data_6VXU
#
_entry.id   6VXU
#
_cell.length_a   91.771
_cell.length_b   96.300
_cell.length_c   191.988
_cell.angle_alpha   90.000
_cell.angle_beta   90.000
_cell.angle_gamma   90.000
#
_symmetry.space_group_name_H-M   'P 21 21 21'
#
loop_
_entity.id
_entity.type
_entity.pdbx_description
1 polymer 'Serine/threonine-protein kinase VRK1'
2 non-polymer (7R)-8-(cyclopropylmethyl)-2-[(3,5-difluoro-4-hydroxyphenyl)amino]-7-methyl-5-(prop-2-yn-1-yl)-7,8-dihydropteridin-6(5H)-one
3 non-polymer 'SULFATE ION'
4 non-polymer (7S)-8-(cyclopropylmethyl)-2-[(3,5-difluoro-4-hydroxyphenyl)amino]-7-methyl-5-(prop-2-yn-1-yl)-7,8-dihydropteridin-6(5H)-one
5 non-polymer GLYCEROL
6 water water
#
_entity_poly.entity_id   1
_entity_poly.type   'polypeptide(L)'
_entity_poly.pdbx_seq_one_letter_code
;SMRVKAAQAGRQSSAKRHLAEQFAVGEIITDMAAAAWKVGLPIGQGGFGCIYLADMNSSESVGSDAPCVVKVEPSDNGPL
FTELKFYQRAAKPEQIQKWIRTRKLKYLGVPKYWGSGLHDKNGKSYRFMIMDRFGSDLQKIYEANAKRFSRKTVLQLSLR
ILDILEYIHEHEYVHGDIKASNLLLNYKNPDQVYLVDYGLAYRYCPEGVHKAYAADPKRCHDGTIEFTSIDAHNGVAPSR
RGDLEILGYCMIQWLTGHLPWEDNLKDPKYVRDSKIRYRENIASLMDKCFPAANAPGEIAKYMETVKLLDYTEKPLYENL
RDILLQGLKAIGSKDDGKLDLSVVENGGLKAKTITKKRAAEIEE
;
_entity_poly.pdbx_strand_id   A,B,C,D
#
# COMPACT_ATOMS: atom_id res chain seq x y z
N ALA A 20 -51.58 -21.15 -17.84
CA ALA A 20 -52.70 -20.82 -16.92
C ALA A 20 -52.63 -19.35 -16.49
N GLU A 21 -53.73 -18.83 -15.95
CA GLU A 21 -54.00 -17.39 -15.79
C GLU A 21 -53.64 -16.92 -14.37
N GLN A 22 -52.58 -16.12 -14.26
CA GLN A 22 -52.13 -15.45 -13.02
C GLN A 22 -52.98 -14.20 -12.77
N PHE A 23 -53.38 -13.55 -13.85
CA PHE A 23 -54.16 -12.32 -13.80
C PHE A 23 -55.34 -12.33 -14.75
N ALA A 24 -56.34 -11.49 -14.46
CA ALA A 24 -57.45 -11.30 -15.37
C ALA A 24 -56.90 -10.29 -16.38
N VAL A 25 -57.14 -10.47 -17.66
CA VAL A 25 -56.58 -9.51 -18.61
C VAL A 25 -57.17 -8.10 -18.36
N GLY A 26 -56.33 -7.07 -18.37
CA GLY A 26 -56.77 -5.71 -18.13
C GLY A 26 -56.92 -5.34 -16.66
N GLU A 27 -56.48 -6.21 -15.75
CA GLU A 27 -56.58 -5.96 -14.33
C GLU A 27 -55.56 -4.92 -13.85
N ILE A 28 -55.95 -4.11 -12.88
CA ILE A 28 -55.04 -3.13 -12.22
C ILE A 28 -54.40 -3.79 -11.01
N ILE A 29 -53.07 -3.78 -10.95
CA ILE A 29 -52.28 -4.33 -9.83
C ILE A 29 -51.45 -3.18 -9.25
N THR A 30 -51.31 -3.16 -7.94
CA THR A 30 -50.59 -2.13 -7.18
C THR A 30 -49.35 -2.78 -6.58
N ASP A 31 -48.20 -2.17 -6.76
CA ASP A 31 -46.90 -2.70 -6.24
C ASP A 31 -46.71 -2.23 -4.79
N MET A 32 -45.61 -2.64 -4.18
CA MET A 32 -45.30 -2.37 -2.74
C MET A 32 -45.21 -0.87 -2.47
N ALA A 33 -44.81 -0.09 -3.48
CA ALA A 33 -44.64 1.39 -3.36
C ALA A 33 -45.95 2.09 -3.74
N ALA A 34 -47.04 1.34 -3.92
CA ALA A 34 -48.40 1.82 -4.24
C ALA A 34 -48.47 2.42 -5.65
N ALA A 35 -47.53 2.13 -6.55
CA ALA A 35 -47.64 2.47 -7.99
C ALA A 35 -48.63 1.51 -8.66
N ALA A 36 -49.54 2.04 -9.50
CA ALA A 36 -50.61 1.28 -10.17
C ALA A 36 -50.16 0.91 -11.59
N TRP A 37 -50.43 -0.34 -11.98
CA TRP A 37 -50.09 -0.93 -13.30
C TRP A 37 -51.31 -1.65 -13.86
N LYS A 38 -51.41 -1.75 -15.18
CA LYS A 38 -52.43 -2.55 -15.89
C LYS A 38 -51.73 -3.73 -16.58
N VAL A 39 -52.32 -4.92 -16.53
CA VAL A 39 -51.79 -6.16 -17.15
C VAL A 39 -52.41 -6.38 -18.53
N GLY A 40 -51.59 -6.67 -19.54
CA GLY A 40 -52.01 -7.03 -20.91
C GLY A 40 -51.74 -8.49 -21.19
N LEU A 41 -51.55 -8.84 -22.47
CA LEU A 41 -51.45 -10.23 -22.99
C LEU A 41 -50.07 -10.79 -22.71
N PRO A 42 -49.91 -12.14 -22.66
CA PRO A 42 -48.59 -12.74 -22.47
C PRO A 42 -47.69 -12.45 -23.67
N ILE A 43 -46.37 -12.37 -23.47
CA ILE A 43 -45.44 -12.04 -24.59
C ILE A 43 -45.10 -13.31 -25.38
N GLY A 44 -44.81 -13.15 -26.67
CA GLY A 44 -44.16 -14.15 -27.54
C GLY A 44 -44.87 -15.49 -27.54
N GLN A 45 -46.20 -15.50 -27.70
CA GLN A 45 -47.04 -16.73 -27.76
C GLN A 45 -46.75 -17.64 -26.56
N GLY A 46 -46.51 -17.05 -25.38
CA GLY A 46 -46.28 -17.77 -24.11
C GLY A 46 -45.02 -18.62 -24.13
N GLY A 47 -44.07 -18.33 -25.04
CA GLY A 47 -42.85 -19.11 -25.22
C GLY A 47 -41.84 -18.86 -24.11
N PHE A 48 -41.97 -17.75 -23.40
CA PHE A 48 -41.06 -17.38 -22.31
C PHE A 48 -41.68 -17.47 -20.91
N GLY A 49 -42.81 -18.17 -20.83
CA GLY A 49 -43.52 -18.43 -19.56
C GLY A 49 -44.36 -17.23 -19.13
N CYS A 50 -44.49 -17.04 -17.82
CA CYS A 50 -45.46 -16.12 -17.16
C CYS A 50 -44.87 -14.70 -17.15
N ILE A 51 -44.84 -14.11 -18.34
CA ILE A 51 -44.41 -12.71 -18.61
C ILE A 51 -45.49 -12.08 -19.49
N TYR A 52 -46.07 -10.96 -19.01
CA TYR A 52 -47.21 -10.25 -19.66
C TYR A 52 -46.78 -8.83 -19.95
N LEU A 53 -47.33 -8.26 -21.02
CA LEU A 53 -47.23 -6.79 -21.29
C LEU A 53 -47.86 -6.07 -20.12
N ALA A 54 -47.32 -4.89 -19.79
CA ALA A 54 -47.79 -4.05 -18.68
C ALA A 54 -47.58 -2.59 -19.05
N ASP A 55 -48.41 -1.71 -18.50
CA ASP A 55 -48.24 -0.24 -18.62
C ASP A 55 -48.72 0.38 -17.31
N MET A 56 -48.42 1.66 -17.12
CA MET A 56 -49.01 2.47 -16.02
C MET A 56 -50.52 2.37 -16.10
N ASN A 57 -51.19 2.38 -14.95
CA ASN A 57 -52.66 2.44 -14.84
C ASN A 57 -53.16 3.68 -15.61
N SER A 58 -54.19 3.48 -16.43
CA SER A 58 -54.87 4.50 -17.27
C SER A 58 -56.22 3.93 -17.70
N SER A 59 -57.07 4.76 -18.31
CA SER A 59 -58.38 4.36 -18.88
C SER A 59 -58.17 3.48 -20.12
N GLU A 60 -56.99 3.54 -20.76
CA GLU A 60 -56.65 2.80 -22.01
C GLU A 60 -56.18 1.38 -21.66
N SER A 61 -56.50 0.40 -22.50
CA SER A 61 -56.03 -1.00 -22.41
C SER A 61 -54.53 -1.05 -22.69
N VAL A 62 -53.86 -2.09 -22.22
CA VAL A 62 -52.41 -2.33 -22.49
C VAL A 62 -52.29 -2.84 -23.92
N GLY A 63 -51.58 -2.09 -24.78
CA GLY A 63 -51.41 -2.40 -26.21
C GLY A 63 -50.20 -3.28 -26.45
N SER A 64 -50.01 -3.73 -27.68
CA SER A 64 -48.85 -4.55 -28.14
C SER A 64 -47.55 -3.74 -28.07
N ASP A 65 -47.64 -2.41 -27.94
CA ASP A 65 -46.46 -1.49 -27.87
C ASP A 65 -46.18 -1.07 -26.42
N ALA A 66 -46.68 -1.82 -25.44
CA ALA A 66 -46.49 -1.54 -23.99
C ALA A 66 -45.00 -1.40 -23.68
N PRO A 67 -44.62 -0.43 -22.83
CA PRO A 67 -43.21 -0.20 -22.49
C PRO A 67 -42.67 -1.09 -21.37
N CYS A 68 -43.52 -1.89 -20.72
CA CYS A 68 -43.12 -2.75 -19.58
C CYS A 68 -43.63 -4.18 -19.77
N VAL A 69 -43.05 -5.07 -18.98
CA VAL A 69 -43.58 -6.44 -18.77
C VAL A 69 -43.74 -6.64 -17.27
N VAL A 70 -44.64 -7.55 -16.90
CA VAL A 70 -44.74 -8.08 -15.51
C VAL A 70 -44.38 -9.56 -15.58
N LYS A 71 -43.40 -9.99 -14.75
CA LYS A 71 -43.01 -11.38 -14.63
C LYS A 71 -43.70 -11.82 -13.34
N VAL A 72 -44.28 -13.01 -13.35
CA VAL A 72 -45.05 -13.56 -12.20
C VAL A 72 -44.65 -15.02 -12.00
N GLU A 73 -44.31 -15.37 -10.76
CA GLU A 73 -43.94 -16.76 -10.32
C GLU A 73 -44.53 -16.97 -8.95
N PRO A 74 -44.73 -18.23 -8.50
CA PRO A 74 -45.11 -18.48 -7.11
C PRO A 74 -44.10 -17.80 -6.17
N SER A 75 -44.57 -17.33 -5.01
CA SER A 75 -43.74 -16.61 -4.02
C SER A 75 -42.59 -17.51 -3.55
N ASP A 76 -42.74 -18.84 -3.64
CA ASP A 76 -41.71 -19.81 -3.19
C ASP A 76 -40.69 -20.07 -4.31
N ASN A 77 -40.81 -19.42 -5.47
CA ASN A 77 -39.83 -19.54 -6.59
C ASN A 77 -38.52 -18.83 -6.21
N GLY A 78 -37.44 -19.60 -6.04
CA GLY A 78 -36.11 -19.10 -5.64
C GLY A 78 -35.51 -18.14 -6.65
N PRO A 79 -35.41 -18.52 -7.95
CA PRO A 79 -34.83 -17.67 -8.97
C PRO A 79 -35.45 -16.26 -9.10
N LEU A 80 -36.77 -16.13 -9.06
CA LEU A 80 -37.41 -14.79 -9.18
C LEU A 80 -37.00 -13.94 -7.97
N PHE A 81 -36.88 -14.53 -6.78
CA PHE A 81 -36.47 -13.77 -5.56
C PHE A 81 -35.03 -13.27 -5.76
N THR A 82 -34.12 -14.13 -6.21
CA THR A 82 -32.71 -13.79 -6.51
C THR A 82 -32.68 -12.64 -7.53
N GLU A 83 -33.42 -12.78 -8.60
CA GLU A 83 -33.50 -11.79 -9.64
C GLU A 83 -34.04 -10.46 -9.10
N LEU A 84 -35.16 -10.54 -8.38
CA LEU A 84 -35.79 -9.35 -7.75
C LEU A 84 -34.76 -8.63 -6.86
N LYS A 85 -34.01 -9.36 -6.04
CA LYS A 85 -33.02 -8.73 -5.18
C LYS A 85 -31.96 -8.02 -6.01
N PHE A 86 -31.48 -8.67 -7.07
CA PHE A 86 -30.49 -8.02 -7.97
C PHE A 86 -31.08 -6.70 -8.52
N TYR A 87 -32.28 -6.81 -9.06
CA TYR A 87 -32.94 -5.69 -9.67
C TYR A 87 -33.20 -4.51 -8.67
N GLN A 88 -33.58 -4.83 -7.45
CA GLN A 88 -33.82 -3.83 -6.42
C GLN A 88 -32.54 -3.15 -5.95
N ARG A 89 -31.46 -3.91 -5.93
CA ARG A 89 -30.14 -3.42 -5.44
C ARG A 89 -29.40 -2.65 -6.56
N ALA A 90 -29.51 -3.08 -7.80
CA ALA A 90 -28.73 -2.46 -8.86
C ALA A 90 -29.46 -1.93 -10.09
N ALA A 91 -30.77 -2.09 -10.20
CA ALA A 91 -31.43 -1.58 -11.39
C ALA A 91 -32.41 -0.44 -11.16
N LYS A 92 -32.27 0.25 -10.05
CA LYS A 92 -33.15 1.38 -9.78
C LYS A 92 -32.95 2.38 -10.93
N PRO A 93 -34.05 2.85 -11.57
CA PRO A 93 -33.91 3.77 -12.72
C PRO A 93 -32.98 4.96 -12.50
N GLU A 94 -33.10 5.64 -11.37
CA GLU A 94 -32.25 6.79 -11.08
C GLU A 94 -30.79 6.35 -10.94
N GLN A 95 -30.59 5.21 -10.31
CA GLN A 95 -29.26 4.67 -10.08
C GLN A 95 -28.58 4.39 -11.42
N ILE A 96 -29.31 3.79 -12.35
CA ILE A 96 -28.79 3.51 -13.66
C ILE A 96 -28.50 4.79 -14.44
N GLN A 97 -29.42 5.75 -14.35
CA GLN A 97 -29.26 7.02 -15.06
C GLN A 97 -28.05 7.79 -14.55
N LYS A 98 -27.81 7.74 -13.25
CA LYS A 98 -26.66 8.42 -12.67
C LYS A 98 -25.35 7.83 -13.20
N TRP A 99 -25.29 6.50 -13.33
CA TRP A 99 -24.11 5.83 -13.84
C TRP A 99 -23.86 6.26 -15.28
N ILE A 100 -24.92 6.31 -16.06
CA ILE A 100 -24.82 6.70 -17.46
C ILE A 100 -24.25 8.11 -17.59
N ARG A 101 -24.74 9.00 -16.75
CA ARG A 101 -24.30 10.42 -16.72
C ARG A 101 -22.83 10.47 -16.30
N THR A 102 -22.45 9.86 -15.18
CA THR A 102 -21.12 10.04 -14.55
C THR A 102 -20.04 9.28 -15.34
N ARG A 103 -20.38 8.19 -16.03
CA ARG A 103 -19.43 7.40 -16.86
C ARG A 103 -19.48 7.85 -18.32
N LYS A 104 -20.31 8.85 -18.63
CA LYS A 104 -20.46 9.45 -19.98
C LYS A 104 -20.75 8.34 -21.00
N LEU A 105 -21.74 7.49 -20.73
CA LEU A 105 -22.19 6.41 -21.64
C LEU A 105 -23.33 6.98 -22.49
N LYS A 106 -23.64 6.38 -23.64
CA LYS A 106 -24.86 6.69 -24.44
C LYS A 106 -26.06 6.06 -23.74
N TYR A 107 -25.87 4.88 -23.15
CA TYR A 107 -26.92 4.10 -22.44
C TYR A 107 -26.21 3.01 -21.61
N LEU A 108 -26.97 2.26 -20.82
CA LEU A 108 -26.47 1.11 -20.07
C LEU A 108 -27.47 -0.04 -20.30
N GLY A 109 -26.98 -1.21 -20.70
CA GLY A 109 -27.85 -2.35 -21.02
C GLY A 109 -28.21 -3.18 -19.80
N VAL A 110 -28.71 -2.57 -18.72
CA VAL A 110 -29.14 -3.29 -17.54
C VAL A 110 -30.62 -2.92 -17.49
N PRO A 111 -31.53 -3.91 -17.59
CA PRO A 111 -32.96 -3.59 -17.57
C PRO A 111 -33.39 -2.75 -16.36
N LYS A 112 -34.30 -1.80 -16.56
CA LYS A 112 -34.75 -0.97 -15.46
C LYS A 112 -35.88 -1.65 -14.63
N TYR A 113 -35.77 -1.60 -13.30
CA TYR A 113 -36.74 -2.17 -12.34
C TYR A 113 -37.78 -1.09 -11.99
N TRP A 114 -39.07 -1.41 -12.18
CA TRP A 114 -40.17 -0.42 -11.99
C TRP A 114 -40.99 -0.71 -10.73
N GLY A 115 -40.87 -1.88 -10.13
CA GLY A 115 -41.66 -2.23 -8.93
C GLY A 115 -41.92 -3.71 -8.83
N SER A 116 -42.44 -4.13 -7.68
CA SER A 116 -42.70 -5.54 -7.35
C SER A 116 -43.75 -5.59 -6.24
N GLY A 117 -44.36 -6.75 -6.10
CA GLY A 117 -45.37 -6.98 -5.07
C GLY A 117 -45.73 -8.44 -4.96
N LEU A 118 -46.76 -8.70 -4.18
CA LEU A 118 -47.35 -10.02 -3.94
C LEU A 118 -48.78 -9.95 -4.46
N HIS A 119 -49.22 -11.02 -5.12
CA HIS A 119 -50.56 -11.12 -5.73
C HIS A 119 -51.10 -12.52 -5.40
N ASP A 120 -52.26 -12.57 -4.75
CA ASP A 120 -52.99 -13.84 -4.48
C ASP A 120 -53.91 -14.12 -5.67
N LYS A 121 -53.97 -15.38 -6.09
CA LYS A 121 -54.95 -15.87 -7.09
C LYS A 121 -55.24 -17.34 -6.77
N ASN A 122 -56.51 -17.70 -6.69
CA ASN A 122 -56.98 -19.11 -6.52
C ASN A 122 -56.34 -19.70 -5.24
N GLY A 123 -56.27 -18.88 -4.18
CA GLY A 123 -55.77 -19.25 -2.85
C GLY A 123 -54.27 -19.53 -2.81
N LYS A 124 -53.50 -19.10 -3.81
CA LYS A 124 -52.02 -19.25 -3.85
C LYS A 124 -51.37 -17.86 -3.86
N SER A 125 -50.11 -17.77 -3.39
CA SER A 125 -49.34 -16.52 -3.31
C SER A 125 -48.34 -16.44 -4.47
N TYR A 126 -48.38 -15.34 -5.22
CA TYR A 126 -47.48 -15.07 -6.36
C TYR A 126 -46.70 -13.78 -6.08
N ARG A 127 -45.45 -13.77 -6.53
CA ARG A 127 -44.57 -12.59 -6.56
C ARG A 127 -44.60 -12.04 -7.99
N PHE A 128 -44.69 -10.73 -8.16
CA PHE A 128 -44.61 -10.11 -9.50
C PHE A 128 -43.54 -9.00 -9.48
N MET A 129 -42.99 -8.73 -10.66
CA MET A 129 -41.90 -7.75 -10.88
C MET A 129 -42.18 -7.03 -12.20
N ILE A 130 -42.15 -5.70 -12.18
CA ILE A 130 -42.36 -4.84 -13.38
C ILE A 130 -40.98 -4.43 -13.91
N MET A 131 -40.70 -4.74 -15.17
CA MET A 131 -39.40 -4.47 -15.84
C MET A 131 -39.64 -3.81 -17.19
N ASP A 132 -38.57 -3.34 -17.83
CA ASP A 132 -38.64 -2.78 -19.18
C ASP A 132 -39.08 -3.80 -20.22
N ARG A 133 -39.67 -3.33 -21.31
CA ARG A 133 -40.08 -4.22 -22.38
C ARG A 133 -39.09 -4.01 -23.53
N PHE A 134 -38.43 -5.09 -23.96
CA PHE A 134 -37.47 -5.06 -25.04
C PHE A 134 -38.00 -5.68 -26.33
N GLY A 135 -37.20 -5.61 -27.39
CA GLY A 135 -37.57 -6.22 -28.65
C GLY A 135 -37.06 -7.66 -28.75
N SER A 136 -36.49 -8.03 -29.89
CA SER A 136 -35.99 -9.39 -30.16
C SER A 136 -34.76 -9.69 -29.31
N ASP A 137 -34.56 -10.98 -28.93
CA ASP A 137 -33.30 -11.46 -28.38
C ASP A 137 -32.31 -11.60 -29.59
N LEU A 138 -30.99 -11.56 -29.34
CA LEU A 138 -29.91 -11.62 -30.37
C LEU A 138 -29.85 -13.02 -30.98
N GLN A 139 -30.27 -14.06 -30.26
CA GLN A 139 -30.18 -15.46 -30.76
C GLN A 139 -31.06 -15.60 -32.01
N LYS A 140 -32.28 -15.03 -31.99
CA LYS A 140 -33.20 -15.06 -33.15
C LYS A 140 -32.54 -14.34 -34.34
N ILE A 141 -31.91 -13.19 -34.09
CA ILE A 141 -31.26 -12.35 -35.15
C ILE A 141 -30.03 -13.10 -35.68
N TYR A 142 -29.24 -13.69 -34.78
CA TYR A 142 -28.06 -14.54 -35.09
C TYR A 142 -28.46 -15.65 -36.07
N GLU A 143 -29.52 -16.40 -35.73
CA GLU A 143 -30.02 -17.54 -36.54
C GLU A 143 -30.55 -17.04 -37.88
N ALA A 144 -31.22 -15.90 -37.90
CA ALA A 144 -31.75 -15.27 -39.15
C ALA A 144 -30.58 -14.87 -40.06
N ASN A 145 -29.38 -14.68 -39.50
CA ASN A 145 -28.16 -14.25 -40.23
C ASN A 145 -27.23 -15.44 -40.49
N ALA A 146 -27.77 -16.67 -40.55
CA ALA A 146 -27.02 -17.92 -40.78
C ALA A 146 -25.90 -18.08 -39.74
N LYS A 147 -26.17 -17.73 -38.48
CA LYS A 147 -25.28 -17.93 -37.31
C LYS A 147 -23.92 -17.27 -37.54
N ARG A 148 -23.92 -16.03 -38.04
CA ARG A 148 -22.73 -15.15 -38.09
C ARG A 148 -23.12 -13.72 -37.71
N PHE A 149 -22.30 -13.05 -36.92
CA PHE A 149 -22.27 -11.57 -36.79
C PHE A 149 -20.95 -11.09 -37.41
N SER A 150 -20.99 -9.95 -38.09
CA SER A 150 -19.79 -9.26 -38.64
C SER A 150 -18.83 -8.92 -37.49
N ARG A 151 -17.58 -8.62 -37.82
CA ARG A 151 -16.59 -8.21 -36.82
C ARG A 151 -17.03 -6.90 -36.17
N LYS A 152 -17.56 -5.99 -36.98
CA LYS A 152 -18.12 -4.69 -36.53
C LYS A 152 -19.18 -4.95 -35.46
N THR A 153 -20.15 -5.81 -35.73
CA THR A 153 -21.27 -6.14 -34.82
C THR A 153 -20.72 -6.72 -33.51
N VAL A 154 -19.81 -7.68 -33.60
CA VAL A 154 -19.27 -8.41 -32.42
C VAL A 154 -18.50 -7.41 -31.54
N LEU A 155 -17.69 -6.54 -32.12
CA LEU A 155 -16.89 -5.56 -31.33
C LEU A 155 -17.84 -4.56 -30.66
N GLN A 156 -18.88 -4.10 -31.37
CA GLN A 156 -19.85 -3.11 -30.84
C GLN A 156 -20.70 -3.77 -29.74
N LEU A 157 -21.16 -5.03 -29.92
CA LEU A 157 -21.89 -5.78 -28.87
C LEU A 157 -20.99 -5.89 -27.64
N SER A 158 -19.75 -6.32 -27.84
CA SER A 158 -18.81 -6.67 -26.74
C SER A 158 -18.45 -5.42 -25.93
N LEU A 159 -18.27 -4.27 -26.57
CA LEU A 159 -17.99 -3.00 -25.85
C LEU A 159 -19.14 -2.69 -24.89
N ARG A 160 -20.38 -2.86 -25.32
CA ARG A 160 -21.58 -2.54 -24.51
C ARG A 160 -21.75 -3.59 -23.42
N ILE A 161 -21.41 -4.85 -23.70
CA ILE A 161 -21.47 -5.93 -22.68
C ILE A 161 -20.38 -5.68 -21.63
N LEU A 162 -19.19 -5.20 -22.03
CA LEU A 162 -18.15 -4.80 -21.04
C LEU A 162 -18.67 -3.67 -20.14
N ASP A 163 -19.45 -2.73 -20.66
CA ASP A 163 -20.07 -1.65 -19.84
C ASP A 163 -21.03 -2.27 -18.81
N ILE A 164 -21.87 -3.21 -19.25
CA ILE A 164 -22.86 -3.92 -18.39
C ILE A 164 -22.10 -4.70 -17.31
N LEU A 165 -21.07 -5.46 -17.70
CA LEU A 165 -20.34 -6.34 -16.75
C LEU A 165 -19.65 -5.47 -15.71
N GLU A 166 -19.00 -4.38 -16.13
CA GLU A 166 -18.35 -3.46 -15.19
C GLU A 166 -19.39 -2.98 -14.18
N TYR A 167 -20.57 -2.60 -14.66
CA TYR A 167 -21.65 -2.13 -13.80
C TYR A 167 -22.06 -3.15 -12.76
N ILE A 168 -22.45 -4.33 -13.21
CA ILE A 168 -22.97 -5.37 -12.26
C ILE A 168 -21.85 -5.81 -11.31
N HIS A 169 -20.61 -5.94 -11.81
CA HIS A 169 -19.43 -6.29 -10.97
C HIS A 169 -19.22 -5.24 -9.89
N GLU A 170 -19.32 -3.97 -10.24
CA GLU A 170 -19.13 -2.85 -9.26
C GLU A 170 -20.30 -2.82 -8.28
N HIS A 171 -21.42 -3.48 -8.58
CA HIS A 171 -22.59 -3.61 -7.67
C HIS A 171 -22.64 -5.02 -7.06
N GLU A 172 -21.50 -5.73 -7.01
CA GLU A 172 -21.26 -6.94 -6.17
C GLU A 172 -21.82 -8.20 -6.83
N TYR A 173 -22.21 -8.17 -8.11
CA TYR A 173 -22.80 -9.34 -8.81
C TYR A 173 -21.99 -9.73 -10.05
N VAL A 174 -22.02 -11.03 -10.35
CA VAL A 174 -21.61 -11.61 -11.65
C VAL A 174 -22.83 -12.32 -12.23
N HIS A 175 -22.92 -12.38 -13.55
CA HIS A 175 -24.06 -12.91 -14.30
C HIS A 175 -23.93 -14.42 -14.49
N GLY A 176 -22.77 -14.88 -14.99
CA GLY A 176 -22.45 -16.31 -15.14
C GLY A 176 -23.11 -16.96 -16.35
N ASP A 177 -23.86 -16.23 -17.17
CA ASP A 177 -24.65 -16.88 -18.27
C ASP A 177 -24.88 -15.90 -19.42
N ILE A 178 -23.87 -15.15 -19.81
CA ILE A 178 -23.92 -14.27 -21.00
C ILE A 178 -24.03 -15.17 -22.23
N LYS A 179 -25.01 -14.89 -23.09
CA LYS A 179 -25.25 -15.57 -24.38
C LYS A 179 -26.31 -14.78 -25.16
N ALA A 180 -26.41 -15.02 -26.46
CA ALA A 180 -27.26 -14.25 -27.38
C ALA A 180 -28.73 -14.30 -26.91
N SER A 181 -29.21 -15.42 -26.38
CA SER A 181 -30.60 -15.54 -25.93
C SER A 181 -30.91 -14.67 -24.69
N ASN A 182 -29.88 -14.25 -23.98
CA ASN A 182 -30.02 -13.38 -22.78
C ASN A 182 -29.67 -11.92 -23.14
N LEU A 183 -29.50 -11.62 -24.42
CA LEU A 183 -29.24 -10.24 -24.91
C LEU A 183 -30.43 -9.80 -25.75
N LEU A 184 -31.12 -8.70 -25.35
CA LEU A 184 -32.28 -8.18 -26.04
C LEU A 184 -32.08 -6.74 -26.52
N LEU A 185 -32.63 -6.41 -27.69
CA LEU A 185 -32.49 -5.07 -28.22
C LEU A 185 -33.55 -4.17 -27.61
N ASN A 186 -33.26 -2.88 -27.52
CA ASN A 186 -34.24 -1.95 -27.00
C ASN A 186 -35.40 -1.96 -28.01
N TYR A 187 -36.64 -1.99 -27.53
CA TYR A 187 -37.81 -2.04 -28.38
C TYR A 187 -37.88 -0.91 -29.42
N LYS A 188 -37.41 0.27 -29.01
CA LYS A 188 -37.46 1.44 -29.88
C LYS A 188 -36.10 1.82 -30.49
N ASN A 189 -35.04 1.12 -30.11
CA ASN A 189 -33.72 1.41 -30.65
C ASN A 189 -32.95 0.12 -30.89
N PRO A 190 -32.71 -0.25 -32.17
CA PRO A 190 -32.00 -1.50 -32.45
C PRO A 190 -30.47 -1.49 -32.22
N ASP A 191 -29.90 -0.33 -31.90
CA ASP A 191 -28.48 -0.25 -31.60
C ASP A 191 -28.19 -0.38 -30.11
N GLN A 192 -29.22 -0.58 -29.29
CA GLN A 192 -29.03 -0.73 -27.86
C GLN A 192 -29.34 -2.19 -27.41
N VAL A 193 -28.36 -2.87 -26.80
CA VAL A 193 -28.50 -4.28 -26.35
C VAL A 193 -28.49 -4.30 -24.82
N TYR A 194 -29.34 -5.14 -24.22
CA TYR A 194 -29.45 -5.28 -22.79
C TYR A 194 -29.27 -6.74 -22.38
N LEU A 195 -28.68 -6.97 -21.22
CA LEU A 195 -28.44 -8.32 -20.65
C LEU A 195 -29.56 -8.61 -19.65
N VAL A 196 -30.29 -9.72 -19.81
CA VAL A 196 -31.38 -10.10 -18.91
C VAL A 196 -31.02 -11.43 -18.21
N ASP A 197 -31.94 -11.96 -17.39
CA ASP A 197 -31.82 -13.22 -16.66
C ASP A 197 -30.79 -13.20 -15.52
N TYR A 198 -31.20 -12.69 -14.37
CA TYR A 198 -30.35 -12.63 -13.16
C TYR A 198 -30.85 -13.66 -12.14
N GLY A 199 -31.67 -14.62 -12.58
CA GLY A 199 -32.26 -15.65 -11.70
C GLY A 199 -31.21 -16.49 -11.00
N LEU A 200 -30.07 -16.76 -11.66
CA LEU A 200 -28.94 -17.53 -11.06
C LEU A 200 -27.73 -16.61 -10.92
N ALA A 201 -27.93 -15.29 -10.89
CA ALA A 201 -26.82 -14.32 -10.69
C ALA A 201 -26.21 -14.59 -9.30
N TYR A 202 -24.94 -14.26 -9.12
CA TYR A 202 -24.22 -14.55 -7.86
C TYR A 202 -23.63 -13.25 -7.30
N ARG A 203 -23.92 -13.01 -6.03
CA ARG A 203 -23.36 -11.88 -5.26
C ARG A 203 -21.97 -12.33 -4.79
N TYR A 204 -20.95 -12.09 -5.63
CA TYR A 204 -19.56 -12.58 -5.43
C TYR A 204 -18.86 -11.76 -4.34
N CYS A 205 -19.35 -10.56 -4.04
CA CYS A 205 -18.64 -9.55 -3.21
C CYS A 205 -19.59 -8.85 -2.25
N PRO A 206 -20.37 -9.57 -1.41
CA PRO A 206 -21.30 -8.91 -0.48
C PRO A 206 -20.53 -7.97 0.47
N GLU A 207 -20.89 -6.69 0.49
CA GLU A 207 -20.31 -5.65 1.38
C GLU A 207 -18.80 -5.52 1.10
N GLY A 208 -18.36 -5.76 -0.14
CA GLY A 208 -16.96 -5.60 -0.56
C GLY A 208 -16.05 -6.74 -0.10
N VAL A 209 -16.59 -7.85 0.44
CA VAL A 209 -15.79 -9.05 0.83
C VAL A 209 -15.94 -10.13 -0.26
N HIS A 210 -14.86 -10.40 -0.99
CA HIS A 210 -14.88 -11.37 -2.13
C HIS A 210 -15.08 -12.79 -1.58
N LYS A 211 -16.00 -13.55 -2.16
CA LYS A 211 -16.17 -15.00 -1.93
C LYS A 211 -14.83 -15.72 -2.13
N ALA A 212 -14.60 -16.75 -1.33
CA ALA A 212 -13.41 -17.58 -1.42
C ALA A 212 -13.53 -18.50 -2.63
N TYR A 213 -12.42 -19.11 -3.02
CA TYR A 213 -12.39 -19.98 -4.19
C TYR A 213 -12.95 -21.35 -3.82
N ALA A 214 -14.28 -21.43 -3.83
CA ALA A 214 -15.01 -22.65 -3.49
C ALA A 214 -16.45 -22.65 -3.98
N ALA A 215 -17.05 -23.83 -3.97
CA ALA A 215 -18.50 -24.03 -4.27
C ALA A 215 -19.35 -23.09 -3.40
N ASP A 216 -20.53 -22.73 -3.92
CA ASP A 216 -21.57 -21.94 -3.21
C ASP A 216 -22.80 -22.83 -3.02
N PRO A 217 -23.27 -23.05 -1.76
CA PRO A 217 -24.58 -23.68 -1.56
C PRO A 217 -25.70 -22.84 -2.18
N CYS A 220 -25.89 -23.15 -6.63
CA CYS A 220 -25.55 -23.84 -7.88
C CYS A 220 -25.68 -23.05 -9.20
N HIS A 221 -24.61 -22.37 -9.59
CA HIS A 221 -24.55 -21.59 -10.84
C HIS A 221 -23.86 -22.25 -12.03
N ASP A 222 -24.46 -23.26 -12.63
CA ASP A 222 -23.81 -23.94 -13.73
C ASP A 222 -23.49 -23.13 -15.01
N GLY A 223 -24.41 -22.28 -15.44
CA GLY A 223 -24.25 -21.55 -16.67
C GLY A 223 -24.70 -22.41 -17.84
N THR A 224 -24.35 -22.04 -19.04
CA THR A 224 -24.69 -22.78 -20.24
C THR A 224 -23.40 -23.53 -20.54
N ILE A 225 -23.48 -24.81 -20.86
CA ILE A 225 -22.28 -25.61 -21.00
C ILE A 225 -21.27 -25.15 -22.06
N GLU A 226 -21.72 -24.76 -23.25
CA GLU A 226 -20.78 -24.34 -24.28
C GLU A 226 -20.00 -23.08 -23.92
N PHE A 227 -20.64 -22.12 -23.26
CA PHE A 227 -19.99 -20.86 -22.91
C PHE A 227 -19.49 -20.67 -21.47
N THR A 228 -19.80 -21.57 -20.54
CA THR A 228 -19.42 -21.36 -19.14
C THR A 228 -17.90 -21.31 -18.85
N SER A 229 -17.54 -20.74 -17.70
CA SER A 229 -16.12 -20.52 -17.33
C SER A 229 -15.50 -21.84 -16.84
N ILE A 230 -14.18 -21.93 -16.94
CA ILE A 230 -13.38 -23.02 -16.34
C ILE A 230 -13.67 -23.05 -14.84
N ASP A 231 -13.76 -21.90 -14.19
CA ASP A 231 -14.11 -21.82 -12.74
C ASP A 231 -15.42 -22.60 -12.48
N ALA A 232 -16.45 -22.34 -13.27
CA ALA A 232 -17.78 -23.00 -13.12
C ALA A 232 -17.63 -24.51 -13.39
N HIS A 233 -16.85 -24.91 -14.38
CA HIS A 233 -16.67 -26.33 -14.63
C HIS A 233 -15.95 -27.01 -13.45
N ASN A 234 -15.07 -26.26 -12.78
CA ASN A 234 -14.31 -26.77 -11.61
C ASN A 234 -15.17 -26.80 -10.34
N GLY A 235 -16.43 -26.38 -10.41
CA GLY A 235 -17.36 -26.43 -9.28
C GLY A 235 -17.15 -25.29 -8.31
N VAL A 236 -16.50 -24.21 -8.71
CA VAL A 236 -16.36 -23.03 -7.81
C VAL A 236 -17.38 -21.98 -8.25
N ALA A 237 -17.75 -21.14 -7.30
CA ALA A 237 -18.65 -19.99 -7.52
C ALA A 237 -18.05 -19.12 -8.63
N PRO A 238 -18.90 -18.57 -9.52
CA PRO A 238 -18.42 -17.66 -10.55
C PRO A 238 -17.85 -16.35 -9.96
N SER A 239 -16.81 -15.81 -10.59
CA SER A 239 -16.26 -14.48 -10.26
C SER A 239 -16.15 -13.64 -11.54
N ARG A 240 -15.52 -12.47 -11.45
CA ARG A 240 -15.50 -11.48 -12.55
C ARG A 240 -14.78 -12.06 -13.77
N ARG A 241 -13.67 -12.77 -13.57
CA ARG A 241 -12.87 -13.31 -14.70
C ARG A 241 -13.73 -14.31 -15.50
N GLY A 242 -14.57 -15.09 -14.82
CA GLY A 242 -15.49 -16.04 -15.47
C GLY A 242 -16.43 -15.34 -16.45
N ASP A 243 -17.01 -14.20 -16.06
CA ASP A 243 -17.93 -13.42 -16.93
C ASP A 243 -17.18 -12.99 -18.19
N LEU A 244 -15.93 -12.55 -18.04
CA LEU A 244 -15.12 -12.05 -19.18
C LEU A 244 -14.72 -13.21 -20.08
N GLU A 245 -14.46 -14.39 -19.50
CA GLU A 245 -14.15 -15.63 -20.25
C GLU A 245 -15.39 -16.03 -21.07
N ILE A 246 -16.57 -15.98 -20.46
CA ILE A 246 -17.85 -16.34 -21.14
C ILE A 246 -18.03 -15.45 -22.37
N LEU A 247 -17.81 -14.14 -22.22
CA LEU A 247 -17.93 -13.18 -23.34
C LEU A 247 -16.94 -13.56 -24.45
N GLY A 248 -15.72 -13.96 -24.10
CA GLY A 248 -14.70 -14.44 -25.05
C GLY A 248 -15.22 -15.58 -25.93
N TYR A 249 -15.80 -16.61 -25.32
CA TYR A 249 -16.40 -17.76 -26.04
C TYR A 249 -17.57 -17.28 -26.91
N CYS A 250 -18.40 -16.36 -26.41
CA CYS A 250 -19.53 -15.77 -27.19
C CYS A 250 -18.98 -15.09 -28.45
N MET A 251 -17.92 -14.31 -28.32
CA MET A 251 -17.34 -13.54 -29.45
C MET A 251 -16.92 -14.50 -30.56
N ILE A 252 -16.25 -15.59 -30.21
CA ILE A 252 -15.77 -16.61 -31.19
C ILE A 252 -17.00 -17.28 -31.84
N GLN A 253 -17.96 -17.73 -31.04
CA GLN A 253 -19.23 -18.32 -31.53
C GLN A 253 -19.89 -17.36 -32.54
N TRP A 254 -19.99 -16.07 -32.18
CA TRP A 254 -20.69 -15.06 -33.02
C TRP A 254 -19.95 -14.84 -34.34
N LEU A 255 -18.62 -14.78 -34.31
CA LEU A 255 -17.77 -14.51 -35.50
C LEU A 255 -17.77 -15.71 -36.46
N THR A 256 -17.69 -16.95 -35.94
CA THR A 256 -17.33 -18.16 -36.72
C THR A 256 -18.52 -19.11 -36.89
N GLY A 257 -19.54 -18.98 -36.03
CA GLY A 257 -20.69 -19.90 -35.99
C GLY A 257 -20.39 -21.17 -35.19
N HIS A 258 -19.21 -21.29 -34.59
CA HIS A 258 -18.74 -22.56 -33.98
C HIS A 258 -17.88 -22.30 -32.73
N LEU A 259 -17.80 -23.32 -31.87
CA LEU A 259 -16.75 -23.48 -30.83
C LEU A 259 -16.18 -24.89 -30.97
N PRO A 260 -14.88 -25.08 -30.67
CA PRO A 260 -14.23 -26.39 -30.86
C PRO A 260 -14.93 -27.57 -30.19
N TRP A 261 -15.57 -27.34 -29.05
CA TRP A 261 -16.14 -28.41 -28.16
C TRP A 261 -17.64 -28.63 -28.42
N GLU A 262 -18.20 -27.98 -29.45
CA GLU A 262 -19.68 -27.94 -29.64
C GLU A 262 -20.25 -29.32 -30.01
N ASP A 263 -19.43 -30.27 -30.41
CA ASP A 263 -19.98 -31.58 -30.72
C ASP A 263 -19.94 -32.53 -29.53
N ASN A 264 -19.42 -32.06 -28.42
CA ASN A 264 -19.29 -32.87 -27.22
C ASN A 264 -19.92 -32.27 -25.97
N LEU A 265 -21.02 -31.54 -26.18
CA LEU A 265 -21.77 -30.82 -25.10
C LEU A 265 -22.48 -31.67 -24.04
N LYS A 266 -22.58 -32.98 -24.28
CA LYS A 266 -23.14 -33.99 -23.33
C LYS A 266 -22.04 -34.52 -22.40
N ASP A 267 -20.77 -34.13 -22.62
CA ASP A 267 -19.61 -34.57 -21.81
C ASP A 267 -18.93 -33.34 -21.23
N PRO A 268 -19.36 -32.89 -20.03
CA PRO A 268 -18.74 -31.71 -19.39
C PRO A 268 -17.22 -31.82 -19.20
N LYS A 269 -16.75 -33.02 -18.86
CA LYS A 269 -15.30 -33.30 -18.69
C LYS A 269 -14.54 -32.90 -19.96
N TYR A 270 -15.08 -33.27 -21.13
CA TYR A 270 -14.49 -32.96 -22.45
C TYR A 270 -14.46 -31.44 -22.67
N VAL A 271 -15.57 -30.78 -22.38
CA VAL A 271 -15.67 -29.34 -22.54
C VAL A 271 -14.67 -28.62 -21.66
N ARG A 272 -14.62 -28.98 -20.39
CA ARG A 272 -13.65 -28.38 -19.44
C ARG A 272 -12.22 -28.65 -19.96
N ASP A 273 -11.91 -29.88 -20.31
CA ASP A 273 -10.54 -30.27 -20.77
C ASP A 273 -10.14 -29.40 -21.98
N SER A 274 -11.05 -29.26 -22.95
CA SER A 274 -10.80 -28.47 -24.17
C SER A 274 -10.55 -26.99 -23.81
N LYS A 275 -11.37 -26.41 -22.94
CA LYS A 275 -11.20 -25.01 -22.54
C LYS A 275 -9.87 -24.81 -21.81
N ILE A 276 -9.53 -25.73 -20.92
CA ILE A 276 -8.25 -25.64 -20.16
C ILE A 276 -7.07 -25.66 -21.14
N ARG A 277 -7.10 -26.59 -22.10
CA ARG A 277 -5.99 -26.73 -23.09
C ARG A 277 -5.89 -25.48 -23.96
N TYR A 278 -7.03 -24.93 -24.39
CA TYR A 278 -7.07 -23.74 -25.28
C TYR A 278 -6.73 -22.47 -24.52
N ARG A 279 -6.96 -22.42 -23.20
CA ARG A 279 -6.51 -21.29 -22.36
C ARG A 279 -4.98 -21.31 -22.26
N GLU A 280 -4.38 -22.49 -22.09
CA GLU A 280 -2.91 -22.65 -21.98
C GLU A 280 -2.25 -22.23 -23.30
N ASN A 281 -2.90 -22.43 -24.45
CA ASN A 281 -2.35 -22.16 -25.81
C ASN A 281 -3.41 -21.42 -26.65
N ILE A 282 -3.51 -20.10 -26.49
CA ILE A 282 -4.55 -19.28 -27.19
C ILE A 282 -4.25 -19.23 -28.69
N ALA A 283 -2.98 -19.27 -29.11
CA ALA A 283 -2.59 -19.38 -30.53
C ALA A 283 -3.31 -20.60 -31.16
N SER A 284 -3.34 -21.75 -30.49
CA SER A 284 -3.98 -22.98 -31.03
C SER A 284 -5.51 -22.79 -31.09
N LEU A 285 -6.10 -22.05 -30.15
CA LEU A 285 -7.55 -21.71 -30.21
C LEU A 285 -7.83 -20.86 -31.46
N MET A 286 -7.00 -19.84 -31.72
CA MET A 286 -7.15 -18.95 -32.90
C MET A 286 -7.00 -19.77 -34.18
N ASP A 287 -6.01 -20.67 -34.23
CA ASP A 287 -5.75 -21.57 -35.39
C ASP A 287 -6.95 -22.51 -35.60
N LYS A 288 -7.51 -23.06 -34.52
CA LYS A 288 -8.67 -23.98 -34.58
C LYS A 288 -9.91 -23.23 -35.10
N CYS A 289 -10.18 -22.02 -34.58
CA CYS A 289 -11.48 -21.32 -34.78
C CYS A 289 -11.47 -20.46 -36.05
N PHE A 290 -10.29 -20.06 -36.54
CA PHE A 290 -10.18 -19.16 -37.71
C PHE A 290 -9.35 -19.76 -38.83
N PRO A 291 -9.58 -19.27 -40.04
CA PRO A 291 -8.84 -19.75 -41.20
C PRO A 291 -7.37 -19.48 -40.89
N ALA A 292 -6.49 -20.30 -41.44
CA ALA A 292 -5.07 -20.16 -41.14
C ALA A 292 -4.59 -18.76 -41.45
N ALA A 293 -3.92 -18.17 -40.47
CA ALA A 293 -3.32 -16.84 -40.57
C ALA A 293 -4.32 -15.69 -40.69
N ASN A 294 -5.56 -15.92 -40.32
CA ASN A 294 -6.57 -14.87 -40.43
C ASN A 294 -7.44 -14.65 -39.20
N ALA A 295 -6.85 -14.69 -38.02
CA ALA A 295 -7.60 -14.50 -36.78
C ALA A 295 -7.57 -13.04 -36.32
N PRO A 296 -8.72 -12.52 -35.86
CA PRO A 296 -8.75 -11.13 -35.40
C PRO A 296 -7.89 -10.97 -34.14
N GLY A 297 -6.81 -10.19 -34.24
CA GLY A 297 -5.81 -10.00 -33.17
C GLY A 297 -6.42 -9.54 -31.86
N GLU A 298 -7.47 -8.73 -31.89
CA GLU A 298 -8.10 -8.16 -30.66
C GLU A 298 -8.75 -9.29 -29.84
N ILE A 299 -9.25 -10.35 -30.50
CA ILE A 299 -9.88 -11.51 -29.79
C ILE A 299 -8.78 -12.24 -29.01
N ALA A 300 -7.64 -12.52 -29.66
CA ALA A 300 -6.48 -13.17 -29.01
C ALA A 300 -6.01 -12.32 -27.82
N LYS A 301 -5.84 -11.02 -28.01
CA LYS A 301 -5.33 -10.09 -26.96
C LYS A 301 -6.32 -10.05 -25.80
N TYR A 302 -7.63 -10.04 -26.11
CA TYR A 302 -8.71 -10.08 -25.10
C TYR A 302 -8.54 -11.34 -24.24
N MET A 303 -8.44 -12.51 -24.88
CA MET A 303 -8.36 -13.81 -24.16
C MET A 303 -7.06 -13.87 -23.34
N GLU A 304 -5.94 -13.34 -23.87
CA GLU A 304 -4.64 -13.34 -23.16
C GLU A 304 -4.76 -12.47 -21.89
N THR A 305 -5.47 -11.35 -21.97
CA THR A 305 -5.63 -10.41 -20.83
C THR A 305 -6.51 -11.07 -19.75
N VAL A 306 -7.60 -11.71 -20.15
CA VAL A 306 -8.54 -12.40 -19.21
C VAL A 306 -7.81 -13.57 -18.53
N LYS A 307 -6.94 -14.27 -19.27
CA LYS A 307 -6.15 -15.41 -18.75
C LYS A 307 -5.27 -14.94 -17.57
N LEU A 308 -4.84 -13.67 -17.57
CA LEU A 308 -3.92 -13.15 -16.53
C LEU A 308 -4.67 -12.81 -15.25
N LEU A 309 -6.01 -12.79 -15.26
CA LEU A 309 -6.79 -12.44 -14.04
C LEU A 309 -6.75 -13.58 -13.02
N ASP A 310 -6.47 -13.24 -11.77
CA ASP A 310 -6.67 -14.15 -10.62
C ASP A 310 -8.17 -14.17 -10.28
N TYR A 311 -8.59 -15.18 -9.52
CA TYR A 311 -10.01 -15.44 -9.18
C TYR A 311 -10.67 -14.20 -8.56
N THR A 312 -9.97 -13.52 -7.65
CA THR A 312 -10.52 -12.37 -6.88
C THR A 312 -10.15 -11.03 -7.53
N GLU A 313 -9.43 -11.04 -8.64
CA GLU A 313 -8.81 -9.82 -9.23
C GLU A 313 -9.88 -8.96 -9.89
N LYS A 314 -9.82 -7.64 -9.68
CA LYS A 314 -10.65 -6.65 -10.40
C LYS A 314 -10.11 -6.49 -11.82
N PRO A 315 -10.91 -6.79 -12.87
CA PRO A 315 -10.49 -6.54 -14.23
C PRO A 315 -10.21 -5.06 -14.50
N LEU A 316 -9.29 -4.77 -15.42
CA LEU A 316 -9.11 -3.41 -15.99
C LEU A 316 -10.02 -3.29 -17.22
N TYR A 317 -11.27 -2.91 -17.00
CA TYR A 317 -12.35 -2.95 -18.03
C TYR A 317 -12.01 -2.00 -19.18
N GLU A 318 -11.35 -0.87 -18.88
CA GLU A 318 -10.99 0.15 -19.90
C GLU A 318 -9.90 -0.42 -20.81
N ASN A 319 -8.93 -1.16 -20.26
CA ASN A 319 -7.90 -1.88 -21.05
C ASN A 319 -8.60 -2.87 -22.01
N LEU A 320 -9.61 -3.59 -21.54
CA LEU A 320 -10.33 -4.59 -22.38
C LEU A 320 -11.08 -3.85 -23.49
N ARG A 321 -11.75 -2.73 -23.17
CA ARG A 321 -12.45 -1.89 -24.17
C ARG A 321 -11.46 -1.36 -25.20
N ASP A 322 -10.30 -0.85 -24.76
CA ASP A 322 -9.20 -0.33 -25.63
C ASP A 322 -8.76 -1.43 -26.60
N ILE A 323 -8.62 -2.67 -26.13
CA ILE A 323 -8.24 -3.82 -27.01
C ILE A 323 -9.29 -3.95 -28.12
N LEU A 324 -10.58 -3.90 -27.78
CA LEU A 324 -11.68 -4.07 -28.78
C LEU A 324 -11.73 -2.84 -29.70
N LEU A 325 -11.47 -1.64 -29.19
CA LEU A 325 -11.42 -0.39 -30.01
C LEU A 325 -10.30 -0.47 -31.06
N GLN A 326 -9.16 -1.08 -30.74
CA GLN A 326 -8.06 -1.30 -31.73
C GLN A 326 -8.58 -2.21 -32.85
N GLY A 327 -9.45 -3.17 -32.53
CA GLY A 327 -10.16 -4.02 -33.53
C GLY A 327 -10.99 -3.19 -34.49
N LEU A 328 -11.77 -2.22 -33.97
CA LEU A 328 -12.60 -1.31 -34.79
C LEU A 328 -11.71 -0.45 -35.68
N LYS A 329 -10.61 0.08 -35.15
CA LYS A 329 -9.61 0.88 -35.93
C LYS A 329 -9.08 0.02 -37.08
N ALA A 330 -8.72 -1.24 -36.80
CA ALA A 330 -8.13 -2.19 -37.78
C ALA A 330 -9.06 -2.39 -38.99
N ILE A 331 -10.38 -2.32 -38.81
CA ILE A 331 -11.39 -2.55 -39.90
C ILE A 331 -11.89 -1.20 -40.45
N GLY A 332 -11.21 -0.10 -40.14
CA GLY A 332 -11.51 1.24 -40.68
C GLY A 332 -12.78 1.83 -40.08
N SER A 333 -13.13 1.42 -38.86
CA SER A 333 -14.36 1.89 -38.16
C SER A 333 -13.96 2.61 -36.87
N LYS A 334 -14.95 2.86 -36.03
CA LYS A 334 -14.81 3.51 -34.75
C LYS A 334 -16.02 3.15 -33.90
N ASP A 335 -15.96 3.46 -32.60
CA ASP A 335 -17.09 3.13 -31.75
C ASP A 335 -18.13 4.24 -31.90
N ASP A 336 -19.04 4.02 -32.85
CA ASP A 336 -20.13 4.93 -33.14
C ASP A 336 -21.46 4.41 -32.60
N GLY A 337 -21.38 3.32 -31.84
CA GLY A 337 -22.56 2.68 -31.19
C GLY A 337 -23.48 1.98 -32.19
N LYS A 338 -23.07 1.78 -33.43
CA LYS A 338 -23.88 1.10 -34.48
C LYS A 338 -23.62 -0.41 -34.41
N LEU A 339 -24.65 -1.22 -34.07
CA LEU A 339 -24.53 -2.66 -33.98
C LEU A 339 -24.61 -3.34 -35.34
N ASP A 340 -25.13 -2.62 -36.34
CA ASP A 340 -25.19 -3.10 -37.76
C ASP A 340 -25.98 -4.41 -37.84
N LEU A 341 -27.08 -4.51 -37.10
CA LEU A 341 -27.88 -5.72 -37.13
C LEU A 341 -28.96 -5.62 -38.20
N PHE B 23 39.92 -2.29 -27.04
CA PHE B 23 39.49 -0.86 -26.95
C PHE B 23 40.36 -0.12 -25.93
N ALA B 24 40.59 1.16 -26.16
CA ALA B 24 41.40 1.93 -25.28
C ALA B 24 40.56 2.61 -24.24
N VAL B 25 41.05 2.57 -23.02
CA VAL B 25 40.38 3.26 -21.88
C VAL B 25 40.21 4.74 -22.25
N GLY B 26 39.00 5.27 -22.15
CA GLY B 26 38.66 6.66 -22.51
C GLY B 26 38.20 6.79 -23.96
N GLU B 27 38.28 5.72 -24.77
CA GLU B 27 37.84 5.72 -26.20
C GLU B 27 36.34 6.02 -26.28
N ILE B 28 35.94 6.84 -27.26
CA ILE B 28 34.51 7.19 -27.52
C ILE B 28 34.01 6.29 -28.66
N ILE B 29 32.89 5.60 -28.45
CA ILE B 29 32.20 4.81 -29.50
C ILE B 29 30.78 5.35 -29.67
N THR B 30 30.25 5.29 -30.88
CA THR B 30 28.92 5.84 -31.25
C THR B 30 28.02 4.66 -31.65
N ASP B 31 26.81 4.59 -31.09
CA ASP B 31 25.84 3.50 -31.38
C ASP B 31 25.01 3.87 -32.61
N MET B 32 24.08 2.97 -32.97
CA MET B 32 23.21 3.07 -34.16
C MET B 32 22.32 4.32 -34.09
N ALA B 33 21.96 4.78 -32.89
CA ALA B 33 21.11 5.97 -32.66
C ALA B 33 21.98 7.22 -32.54
N ALA B 34 23.29 7.11 -32.81
CA ALA B 34 24.29 8.21 -32.79
C ALA B 34 24.52 8.72 -31.36
N ALA B 35 24.16 7.96 -30.31
CA ALA B 35 24.53 8.25 -28.91
C ALA B 35 26.00 7.91 -28.71
N ALA B 36 26.75 8.81 -28.04
CA ALA B 36 28.19 8.66 -27.72
C ALA B 36 28.35 7.98 -26.35
N TRP B 37 29.28 7.03 -26.27
CA TRP B 37 29.65 6.29 -25.02
C TRP B 37 31.16 6.33 -24.87
N LYS B 38 31.62 6.35 -23.62
CA LYS B 38 33.06 6.34 -23.27
C LYS B 38 33.34 4.99 -22.60
N VAL B 39 34.48 4.38 -22.95
CA VAL B 39 34.94 3.06 -22.42
C VAL B 39 35.85 3.28 -21.22
N GLY B 40 35.62 2.52 -20.14
CA GLY B 40 36.48 2.48 -18.94
C GLY B 40 37.23 1.16 -18.87
N LEU B 41 37.62 0.72 -17.70
CA LEU B 41 38.40 -0.47 -17.65
C LEU B 41 37.61 -1.71 -17.88
N PRO B 42 38.28 -2.77 -18.30
CA PRO B 42 37.78 -4.11 -18.55
C PRO B 42 37.38 -4.77 -17.24
N ILE B 43 36.47 -5.73 -17.34
CA ILE B 43 35.96 -6.49 -16.22
C ILE B 43 36.33 -7.94 -16.50
N GLY B 44 36.16 -8.33 -17.74
CA GLY B 44 36.49 -9.69 -18.21
C GLY B 44 36.42 -9.80 -19.72
N CYS B 50 35.56 -9.42 -25.00
CA CYS B 50 35.89 -8.65 -23.78
C CYS B 50 34.71 -7.74 -23.38
N ILE B 51 34.70 -7.33 -22.13
CA ILE B 51 33.68 -6.49 -21.52
C ILE B 51 34.34 -5.39 -20.70
N TYR B 52 33.89 -4.15 -20.88
CA TYR B 52 34.46 -2.95 -20.22
C TYR B 52 33.34 -2.20 -19.50
N LEU B 53 33.66 -1.50 -18.41
CA LEU B 53 32.77 -0.44 -17.86
C LEU B 53 32.55 0.63 -18.94
N ALA B 54 31.38 1.25 -18.93
CA ALA B 54 30.97 2.27 -19.94
C ALA B 54 30.03 3.28 -19.29
N ASP B 55 30.03 4.50 -19.83
CA ASP B 55 29.08 5.55 -19.43
C ASP B 55 28.84 6.43 -20.66
N MET B 56 27.83 7.29 -20.60
CA MET B 56 27.59 8.32 -21.65
C MET B 56 28.86 9.17 -21.77
N ASN B 57 29.20 9.58 -22.99
CA ASN B 57 30.48 10.29 -23.30
C ASN B 57 30.58 11.55 -22.45
N SER B 58 31.76 11.78 -21.86
CA SER B 58 32.19 13.02 -21.15
C SER B 58 33.72 13.14 -21.22
N GLU B 60 34.51 13.96 -18.00
CA GLU B 60 34.84 13.06 -16.85
C GLU B 60 35.16 11.66 -17.40
N SER B 61 36.14 10.98 -16.77
CA SER B 61 36.51 9.57 -17.08
C SER B 61 35.38 8.66 -16.61
N VAL B 62 35.32 7.44 -17.15
CA VAL B 62 34.38 6.36 -16.71
C VAL B 62 34.90 5.82 -15.38
N GLY B 63 34.11 5.95 -14.31
CA GLY B 63 34.50 5.56 -12.94
C GLY B 63 34.19 4.10 -12.65
N SER B 64 34.63 3.60 -11.49
CA SER B 64 34.38 2.21 -11.01
C SER B 64 32.87 2.00 -10.72
N ASP B 65 32.09 3.09 -10.61
CA ASP B 65 30.63 3.08 -10.32
C ASP B 65 29.82 3.29 -11.61
N ALA B 66 30.41 3.04 -12.78
CA ALA B 66 29.75 3.18 -14.11
C ALA B 66 28.45 2.39 -14.13
N PRO B 67 27.36 2.94 -14.73
CA PRO B 67 26.07 2.25 -14.77
C PRO B 67 25.92 1.25 -15.92
N CYS B 68 26.88 1.20 -16.84
CA CYS B 68 26.82 0.33 -18.05
C CYS B 68 28.10 -0.46 -18.23
N VAL B 69 28.02 -1.48 -19.07
CA VAL B 69 29.20 -2.20 -19.66
C VAL B 69 29.06 -2.17 -21.18
N VAL B 70 30.14 -2.46 -21.88
CA VAL B 70 30.10 -2.57 -23.32
C VAL B 70 30.78 -3.88 -23.73
N LYS B 71 30.04 -4.84 -24.29
CA LYS B 71 30.61 -6.11 -24.73
C LYS B 71 31.08 -5.93 -26.18
N VAL B 72 32.29 -6.41 -26.52
CA VAL B 72 32.94 -6.23 -27.84
C VAL B 72 33.40 -7.60 -28.36
N GLU B 73 33.10 -7.89 -29.63
CA GLU B 73 33.67 -9.02 -30.40
C GLU B 73 34.02 -8.52 -31.79
N PRO B 74 34.85 -9.24 -32.58
CA PRO B 74 34.95 -8.96 -34.01
C PRO B 74 33.55 -9.06 -34.62
N GLY B 78 30.11 -14.43 -33.87
CA GLY B 78 28.80 -15.11 -33.94
C GLY B 78 27.96 -14.87 -32.71
N PRO B 79 28.45 -15.20 -31.49
CA PRO B 79 27.65 -15.07 -30.27
C PRO B 79 27.09 -13.66 -29.99
N LEU B 80 27.84 -12.59 -30.25
CA LEU B 80 27.31 -11.24 -30.00
C LEU B 80 26.19 -10.95 -30.98
N PHE B 81 26.34 -11.42 -32.20
CA PHE B 81 25.33 -11.23 -33.22
C PHE B 81 24.05 -11.93 -32.79
N THR B 82 24.19 -13.15 -32.26
CA THR B 82 23.05 -13.91 -31.78
C THR B 82 22.41 -13.18 -30.61
N GLU B 83 23.25 -12.66 -29.72
CA GLU B 83 22.81 -11.93 -28.56
C GLU B 83 22.08 -10.66 -28.97
N LEU B 84 22.61 -9.98 -29.97
CA LEU B 84 22.04 -8.73 -30.45
C LEU B 84 20.64 -8.94 -30.98
N LYS B 85 20.46 -10.00 -31.75
CA LYS B 85 19.16 -10.32 -32.32
C LYS B 85 18.15 -10.64 -31.24
N PHE B 86 18.59 -11.35 -30.21
CA PHE B 86 17.67 -11.70 -29.12
C PHE B 86 17.16 -10.46 -28.42
N TYR B 87 18.05 -9.52 -28.13
CA TYR B 87 17.65 -8.29 -27.45
C TYR B 87 16.74 -7.45 -28.33
N GLN B 88 17.07 -7.38 -29.62
CA GLN B 88 16.28 -6.61 -30.57
C GLN B 88 14.89 -7.20 -30.75
N ARG B 89 14.83 -8.52 -30.92
CA ARG B 89 13.56 -9.21 -31.07
C ARG B 89 12.71 -9.44 -29.82
N ALA B 90 13.34 -9.86 -28.73
CA ALA B 90 12.60 -10.25 -27.53
C ALA B 90 12.80 -9.51 -26.22
N ALA B 91 13.88 -8.77 -26.04
CA ALA B 91 14.09 -8.10 -24.76
C ALA B 91 14.14 -6.59 -24.80
N LYS B 92 13.37 -5.99 -25.70
CA LYS B 92 13.28 -4.55 -25.78
C LYS B 92 12.66 -4.02 -24.49
N PRO B 93 13.21 -2.87 -23.98
CA PRO B 93 12.67 -2.28 -22.75
C PRO B 93 11.14 -2.23 -22.60
N GLU B 94 10.43 -1.89 -23.67
CA GLU B 94 8.94 -1.80 -23.62
C GLU B 94 8.32 -3.19 -23.45
N GLN B 95 9.00 -4.27 -23.86
CA GLN B 95 8.46 -5.62 -23.77
C GLN B 95 8.61 -6.06 -22.34
N ILE B 96 9.79 -5.80 -21.79
CA ILE B 96 10.09 -6.17 -20.42
C ILE B 96 9.16 -5.42 -19.48
N GLN B 97 8.97 -4.13 -19.73
CA GLN B 97 8.09 -3.32 -18.88
C GLN B 97 6.65 -3.80 -18.97
N LYS B 98 6.20 -4.13 -20.17
CA LYS B 98 4.82 -4.59 -20.35
C LYS B 98 4.58 -5.88 -19.60
N TRP B 99 5.56 -6.80 -19.66
CA TRP B 99 5.47 -8.08 -18.97
C TRP B 99 5.44 -7.87 -17.48
N ILE B 100 6.29 -6.98 -16.99
CA ILE B 100 6.35 -6.74 -15.56
C ILE B 100 5.01 -6.21 -15.08
N ARG B 101 4.43 -5.26 -15.81
CA ARG B 101 3.14 -4.72 -15.45
C ARG B 101 1.99 -5.72 -15.58
N THR B 102 1.93 -6.42 -16.71
CA THR B 102 0.87 -7.38 -16.98
C THR B 102 0.91 -8.57 -16.03
N ARG B 103 2.10 -9.02 -15.65
CA ARG B 103 2.27 -10.18 -14.75
C ARG B 103 2.37 -9.86 -13.23
N LYS B 104 2.34 -8.58 -12.91
CA LYS B 104 2.40 -7.98 -11.56
C LYS B 104 3.69 -8.42 -10.85
N LEU B 105 4.84 -8.23 -11.49
CA LEU B 105 6.10 -8.60 -10.88
C LEU B 105 6.77 -7.37 -10.27
N LYS B 106 7.63 -7.60 -9.28
CA LYS B 106 8.42 -6.52 -8.64
C LYS B 106 9.50 -6.07 -9.63
N TYR B 107 10.07 -7.02 -10.38
CA TYR B 107 11.13 -6.78 -11.38
C TYR B 107 11.17 -8.00 -12.31
N LEU B 108 11.95 -7.98 -13.37
CA LEU B 108 12.12 -9.16 -14.22
C LEU B 108 13.61 -9.12 -14.48
N GLY B 109 14.32 -10.22 -14.23
CA GLY B 109 15.76 -10.27 -14.42
C GLY B 109 16.29 -10.59 -15.80
N VAL B 110 16.04 -9.68 -16.73
CA VAL B 110 16.46 -9.76 -18.11
C VAL B 110 17.15 -8.41 -18.24
N PRO B 111 18.47 -8.39 -18.49
CA PRO B 111 19.13 -7.08 -18.54
C PRO B 111 18.61 -6.05 -19.56
N LYS B 112 18.76 -4.77 -19.24
CA LYS B 112 18.40 -3.70 -20.19
C LYS B 112 19.51 -3.57 -21.26
N TYR B 113 19.08 -3.45 -22.53
CA TYR B 113 19.94 -3.27 -23.67
C TYR B 113 19.84 -1.74 -23.91
N TRP B 114 20.98 -1.07 -24.06
CA TRP B 114 21.07 0.41 -24.20
C TRP B 114 21.45 0.83 -25.61
N GLY B 115 21.97 -0.07 -26.46
CA GLY B 115 22.38 0.31 -27.79
C GLY B 115 23.54 -0.56 -28.23
N SER B 116 23.93 -0.51 -29.51
CA SER B 116 24.93 -1.30 -30.12
C SER B 116 25.45 -0.54 -31.32
N GLY B 117 26.54 -1.02 -31.98
CA GLY B 117 27.18 -0.37 -33.13
C GLY B 117 28.36 -1.16 -33.64
N LEU B 118 29.10 -0.54 -34.56
CA LEU B 118 30.38 -1.04 -35.10
C LEU B 118 31.45 -0.03 -34.68
N HIS B 119 32.64 -0.52 -34.35
CA HIS B 119 33.86 0.32 -34.13
C HIS B 119 35.03 -0.33 -34.87
N ASP B 120 35.67 0.44 -35.75
CA ASP B 120 36.73 0.04 -36.72
C ASP B 120 36.04 -0.57 -37.97
N TYR B 126 34.89 -4.21 -35.29
CA TYR B 126 34.33 -4.76 -34.04
C TYR B 126 32.87 -4.36 -33.89
N ARG B 127 32.07 -5.24 -33.29
CA ARG B 127 30.67 -5.01 -33.01
C ARG B 127 30.62 -4.86 -31.50
N PHE B 128 29.81 -3.93 -31.01
CA PHE B 128 29.74 -3.71 -29.59
C PHE B 128 28.30 -3.60 -29.13
N MET B 129 28.06 -3.93 -27.87
CA MET B 129 26.71 -3.87 -27.30
C MET B 129 26.76 -3.20 -25.94
N ILE B 130 25.85 -2.29 -25.66
CA ILE B 130 25.85 -1.59 -24.38
C ILE B 130 24.75 -2.16 -23.48
N MET B 131 25.11 -2.62 -22.28
CA MET B 131 24.13 -3.21 -21.37
C MET B 131 24.25 -2.67 -19.94
N ASP B 132 23.31 -3.07 -19.07
CA ASP B 132 23.34 -2.76 -17.62
C ASP B 132 24.67 -3.22 -17.03
N ARG B 133 25.22 -2.42 -16.12
CA ARG B 133 26.27 -2.89 -15.17
C ARG B 133 25.55 -3.49 -13.95
N PHE B 134 26.02 -4.64 -13.51
CA PHE B 134 25.47 -5.35 -12.39
C PHE B 134 26.52 -5.50 -11.32
N GLY B 135 26.13 -6.13 -10.22
CA GLY B 135 26.98 -6.43 -9.10
C GLY B 135 27.66 -7.78 -9.29
N SER B 136 28.06 -8.39 -8.19
CA SER B 136 28.73 -9.68 -8.24
C SER B 136 27.88 -10.83 -8.79
N ASP B 137 28.54 -11.77 -9.46
CA ASP B 137 27.90 -12.98 -9.97
C ASP B 137 27.63 -13.92 -8.81
N LEU B 138 26.67 -14.83 -8.96
CA LEU B 138 26.30 -15.76 -7.86
C LEU B 138 27.42 -16.76 -7.59
N GLN B 139 28.24 -17.08 -8.60
CA GLN B 139 29.31 -18.09 -8.47
C GLN B 139 30.33 -17.61 -7.43
N LYS B 140 30.71 -16.33 -7.46
CA LYS B 140 31.65 -15.72 -6.48
C LYS B 140 31.05 -15.82 -5.07
N ILE B 141 29.75 -15.51 -4.93
CA ILE B 141 29.04 -15.52 -3.62
C ILE B 141 28.93 -16.97 -3.12
N TYR B 142 28.59 -17.89 -4.03
CA TYR B 142 28.51 -19.35 -3.78
C TYR B 142 29.83 -19.85 -3.19
N GLU B 143 30.95 -19.52 -3.84
CA GLU B 143 32.32 -19.96 -3.44
C GLU B 143 32.68 -19.33 -2.09
N ALA B 144 32.32 -18.06 -1.88
CA ALA B 144 32.56 -17.35 -0.60
C ALA B 144 31.78 -18.02 0.54
N ASN B 145 30.71 -18.76 0.22
CA ASN B 145 29.82 -19.44 1.21
C ASN B 145 30.13 -20.94 1.28
N ALA B 146 31.36 -21.35 0.95
CA ALA B 146 31.83 -22.76 0.96
C ALA B 146 30.91 -23.62 0.08
N LYS B 147 30.51 -23.09 -1.08
CA LYS B 147 29.76 -23.81 -2.15
C LYS B 147 28.45 -24.41 -1.59
N ARG B 148 27.72 -23.62 -0.80
CA ARG B 148 26.32 -23.92 -0.40
C ARG B 148 25.48 -22.65 -0.49
N PHE B 149 24.25 -22.77 -0.99
CA PHE B 149 23.14 -21.83 -0.72
C PHE B 149 22.11 -22.54 0.16
N SER B 150 21.51 -21.80 1.10
CA SER B 150 20.40 -22.29 1.95
C SER B 150 19.22 -22.71 1.06
N ARG B 151 18.33 -23.53 1.59
CA ARG B 151 17.07 -23.94 0.91
C ARG B 151 16.26 -22.68 0.56
N LYS B 152 16.16 -21.74 1.51
CA LYS B 152 15.47 -20.43 1.33
C LYS B 152 16.03 -19.73 0.09
N THR B 153 17.35 -19.57 0.00
CA THR B 153 18.05 -18.86 -1.10
C THR B 153 17.74 -19.56 -2.42
N VAL B 154 17.86 -20.88 -2.47
CA VAL B 154 17.71 -21.66 -3.73
C VAL B 154 16.26 -21.53 -4.21
N LEU B 155 15.27 -21.63 -3.33
CA LEU B 155 13.84 -21.53 -3.73
C LEU B 155 13.55 -20.10 -4.24
N GLN B 156 14.11 -19.07 -3.57
CA GLN B 156 13.90 -17.66 -3.95
C GLN B 156 14.61 -17.35 -5.28
N LEU B 157 15.84 -17.84 -5.48
CA LEU B 157 16.54 -17.72 -6.78
C LEU B 157 15.71 -18.37 -7.88
N SER B 158 15.24 -19.60 -7.63
CA SER B 158 14.57 -20.44 -8.65
C SER B 158 13.24 -19.80 -9.07
N LEU B 159 12.49 -19.21 -8.14
CA LEU B 159 11.22 -18.52 -8.48
C LEU B 159 11.50 -17.38 -9.47
N ARG B 160 12.56 -16.61 -9.25
CA ARG B 160 12.91 -15.44 -10.12
C ARG B 160 13.43 -15.94 -11.45
N ILE B 161 14.16 -17.06 -11.46
CA ILE B 161 14.67 -17.65 -12.73
C ILE B 161 13.48 -18.21 -13.51
N LEU B 162 12.48 -18.82 -12.85
CA LEU B 162 11.24 -19.26 -13.55
C LEU B 162 10.52 -18.07 -14.20
N ASP B 163 10.54 -16.88 -13.57
CA ASP B 163 9.96 -15.65 -14.17
C ASP B 163 10.71 -15.32 -15.47
N ILE B 164 12.05 -15.35 -15.43
CA ILE B 164 12.92 -15.02 -16.59
C ILE B 164 12.66 -16.04 -17.70
N LEU B 165 12.64 -17.34 -17.35
CA LEU B 165 12.50 -18.42 -18.35
C LEU B 165 11.13 -18.32 -19.01
N GLU B 166 10.08 -18.09 -18.23
CA GLU B 166 8.77 -17.96 -18.85
C GLU B 166 8.77 -16.77 -19.82
N TYR B 167 9.42 -15.68 -19.44
CA TYR B 167 9.49 -14.50 -20.31
C TYR B 167 10.14 -14.85 -21.62
N ILE B 168 11.37 -15.36 -21.56
CA ILE B 168 12.08 -15.66 -22.80
C ILE B 168 11.39 -16.74 -23.64
N HIS B 169 10.86 -17.77 -22.99
CA HIS B 169 10.19 -18.85 -23.71
C HIS B 169 8.97 -18.32 -24.48
N GLU B 170 8.23 -17.42 -23.82
CA GLU B 170 7.02 -16.81 -24.38
C GLU B 170 7.33 -15.85 -25.52
N HIS B 171 8.62 -15.47 -25.63
CA HIS B 171 9.14 -14.62 -26.69
C HIS B 171 10.07 -15.40 -27.66
N GLU B 172 9.77 -16.68 -27.81
CA GLU B 172 10.42 -17.63 -28.73
C GLU B 172 11.89 -17.99 -28.53
N TYR B 173 12.38 -17.88 -27.31
CA TYR B 173 13.76 -18.20 -27.04
C TYR B 173 14.01 -19.06 -25.78
N VAL B 174 15.06 -19.87 -25.83
CA VAL B 174 15.58 -20.60 -24.65
C VAL B 174 17.02 -20.13 -24.44
N HIS B 175 17.51 -20.16 -23.21
CA HIS B 175 18.84 -19.67 -22.81
C HIS B 175 19.90 -20.77 -23.00
N GLY B 176 19.62 -21.97 -22.48
CA GLY B 176 20.48 -23.17 -22.66
C GLY B 176 21.73 -23.18 -21.81
N ASP B 177 21.94 -22.20 -20.92
CA ASP B 177 23.22 -22.12 -20.16
C ASP B 177 23.01 -21.39 -18.83
N ILE B 178 21.94 -21.72 -18.12
CA ILE B 178 21.70 -21.19 -16.75
C ILE B 178 22.77 -21.78 -15.84
N LYS B 179 23.43 -20.92 -15.07
CA LYS B 179 24.43 -21.30 -14.04
C LYS B 179 24.75 -20.06 -13.22
N ALA B 180 25.33 -20.26 -12.05
CA ALA B 180 25.62 -19.18 -11.06
C ALA B 180 26.49 -18.10 -11.71
N SER B 181 27.44 -18.45 -12.59
CA SER B 181 28.36 -17.45 -13.21
C SER B 181 27.59 -16.58 -14.23
N ASN B 182 26.39 -16.98 -14.67
CA ASN B 182 25.54 -16.20 -15.60
C ASN B 182 24.38 -15.55 -14.84
N LEU B 183 24.41 -15.56 -13.51
CA LEU B 183 23.39 -14.90 -12.66
C LEU B 183 24.07 -13.77 -11.89
N LEU B 184 23.68 -12.52 -12.15
CA LEU B 184 24.31 -11.32 -11.54
C LEU B 184 23.27 -10.57 -10.69
N LEU B 185 23.68 -10.00 -9.56
CA LEU B 185 22.75 -9.28 -8.71
C LEU B 185 22.68 -7.84 -9.20
N ASN B 186 21.56 -7.17 -8.97
CA ASN B 186 21.42 -5.79 -9.38
C ASN B 186 22.45 -4.97 -8.59
N TYR B 187 23.08 -3.99 -9.24
CA TYR B 187 24.09 -3.18 -8.59
C TYR B 187 23.54 -2.42 -7.38
N LYS B 188 22.33 -1.88 -7.52
CA LYS B 188 21.70 -1.13 -6.45
C LYS B 188 20.75 -1.93 -5.56
N ASN B 189 20.58 -3.22 -5.86
CA ASN B 189 19.67 -4.06 -5.08
C ASN B 189 20.17 -5.50 -5.03
N PRO B 190 20.59 -5.99 -3.84
CA PRO B 190 21.10 -7.37 -3.77
C PRO B 190 20.05 -8.48 -3.78
N ASP B 191 18.77 -8.14 -3.71
CA ASP B 191 17.71 -9.14 -3.75
C ASP B 191 17.18 -9.38 -5.17
N GLN B 192 17.73 -8.67 -6.16
CA GLN B 192 17.31 -8.85 -7.54
C GLN B 192 18.40 -9.57 -8.35
N VAL B 193 18.09 -10.72 -8.96
CA VAL B 193 19.06 -11.53 -9.73
C VAL B 193 18.66 -11.46 -11.20
N TYR B 194 19.65 -11.35 -12.09
CA TYR B 194 19.44 -11.25 -13.50
C TYR B 194 20.24 -12.37 -14.22
N LEU B 195 19.65 -12.89 -15.28
CA LEU B 195 20.29 -13.91 -16.15
C LEU B 195 20.93 -13.19 -17.33
N VAL B 196 22.24 -13.34 -17.53
CA VAL B 196 22.94 -12.64 -18.58
C VAL B 196 23.48 -13.65 -19.58
N ASP B 197 24.29 -13.20 -20.54
CA ASP B 197 24.92 -14.07 -21.53
C ASP B 197 23.97 -14.89 -22.40
N TYR B 198 23.40 -14.26 -23.43
CA TYR B 198 22.48 -14.93 -24.38
C TYR B 198 23.10 -15.32 -25.75
N GLY B 199 24.44 -15.34 -25.81
CA GLY B 199 25.31 -15.72 -26.94
C GLY B 199 24.99 -17.10 -27.47
N LEU B 200 24.53 -18.00 -26.60
CA LEU B 200 24.13 -19.41 -26.88
C LEU B 200 22.60 -19.52 -26.96
N ALA B 201 21.84 -18.42 -26.85
CA ALA B 201 20.37 -18.49 -26.83
C ALA B 201 19.90 -19.02 -28.20
N TYR B 202 18.76 -19.68 -28.22
CA TYR B 202 18.24 -20.35 -29.42
C TYR B 202 16.78 -19.97 -29.58
N ARG B 203 16.43 -19.53 -30.78
CA ARG B 203 15.04 -19.21 -31.16
C ARG B 203 14.33 -20.53 -31.52
N TYR B 204 13.77 -21.19 -30.52
CA TYR B 204 13.21 -22.56 -30.59
C TYR B 204 11.86 -22.53 -31.32
N CYS B 205 11.21 -21.36 -31.38
CA CYS B 205 9.79 -21.22 -31.81
C CYS B 205 9.58 -20.02 -32.72
N PRO B 206 10.33 -19.87 -33.84
CA PRO B 206 10.16 -18.71 -34.72
C PRO B 206 8.72 -18.65 -35.25
N GLU B 207 8.04 -17.52 -35.01
CA GLU B 207 6.65 -17.25 -35.47
C GLU B 207 5.70 -18.33 -34.93
N GLY B 208 5.96 -18.85 -33.74
CA GLY B 208 5.10 -19.84 -33.06
C GLY B 208 5.21 -21.25 -33.65
N VAL B 209 6.17 -21.53 -34.52
CA VAL B 209 6.41 -22.90 -35.08
C VAL B 209 7.61 -23.52 -34.34
N HIS B 210 7.37 -24.54 -33.52
CA HIS B 210 8.42 -25.20 -32.69
C HIS B 210 9.38 -25.94 -33.62
N LYS B 211 10.70 -25.75 -33.43
CA LYS B 211 11.77 -26.56 -34.07
C LYS B 211 11.48 -28.05 -33.86
N ALA B 212 11.59 -28.88 -34.91
CA ALA B 212 11.33 -30.33 -34.84
C ALA B 212 12.49 -31.00 -34.10
N TYR B 213 12.23 -32.10 -33.39
CA TYR B 213 13.26 -32.93 -32.72
C TYR B 213 14.18 -33.50 -33.81
N ALA B 214 15.48 -33.21 -33.76
CA ALA B 214 16.51 -33.86 -34.60
C ALA B 214 17.87 -33.80 -33.90
N ALA B 215 18.61 -34.90 -33.92
CA ALA B 215 19.95 -35.01 -33.30
C ALA B 215 20.97 -34.64 -34.37
N ASP B 216 21.80 -33.65 -34.09
CA ASP B 216 22.86 -33.13 -34.99
C ASP B 216 24.20 -33.38 -34.31
N PRO B 217 25.12 -34.16 -34.92
CA PRO B 217 26.41 -34.44 -34.32
C PRO B 217 27.21 -33.16 -34.01
N LYS B 218 27.05 -32.11 -34.83
CA LYS B 218 27.69 -30.78 -34.65
C LYS B 218 27.26 -30.15 -33.31
N ARG B 219 26.07 -30.46 -32.80
CA ARG B 219 25.53 -29.85 -31.58
C ARG B 219 25.74 -30.61 -30.27
N CYS B 220 26.30 -31.80 -30.35
CA CYS B 220 26.43 -32.67 -29.15
C CYS B 220 27.21 -31.95 -28.06
N HIS B 221 26.61 -31.89 -26.86
CA HIS B 221 27.22 -31.40 -25.59
C HIS B 221 27.38 -29.86 -25.63
N ASP B 222 26.42 -29.18 -26.25
CA ASP B 222 26.38 -27.73 -26.22
C ASP B 222 25.99 -27.30 -24.79
N GLY B 223 26.43 -26.13 -24.38
CA GLY B 223 26.18 -25.60 -23.02
C GLY B 223 27.34 -25.91 -22.09
N THR B 224 27.12 -25.84 -20.77
CA THR B 224 28.14 -26.15 -19.75
C THR B 224 27.93 -27.61 -19.31
N ILE B 225 28.96 -28.45 -19.48
CA ILE B 225 28.81 -29.93 -19.47
C ILE B 225 28.13 -30.39 -18.17
N GLU B 226 28.50 -29.85 -17.01
CA GLU B 226 27.94 -30.34 -15.71
C GLU B 226 26.43 -30.03 -15.63
N PHE B 227 25.93 -28.97 -16.28
CA PHE B 227 24.53 -28.50 -16.07
C PHE B 227 23.66 -28.71 -17.32
N THR B 228 24.23 -29.02 -18.48
CA THR B 228 23.48 -28.97 -19.76
C THR B 228 22.42 -30.09 -19.78
N SER B 229 21.45 -29.97 -20.67
CA SER B 229 20.29 -30.88 -20.77
C SER B 229 20.70 -32.16 -21.50
N ILE B 230 19.97 -33.24 -21.24
CA ILE B 230 20.09 -34.51 -22.00
C ILE B 230 19.90 -34.21 -23.49
N ASP B 231 18.92 -33.36 -23.83
CA ASP B 231 18.67 -32.96 -25.24
C ASP B 231 19.98 -32.43 -25.84
N ALA B 232 20.65 -31.50 -25.16
CA ALA B 232 21.90 -30.87 -25.65
C ALA B 232 23.01 -31.93 -25.77
N HIS B 233 23.12 -32.85 -24.79
CA HIS B 233 24.08 -33.98 -24.85
C HIS B 233 23.83 -34.81 -26.11
N ASN B 234 22.58 -34.97 -26.52
CA ASN B 234 22.16 -35.82 -27.65
C ASN B 234 22.31 -35.06 -28.99
N GLY B 235 22.75 -33.80 -28.97
CA GLY B 235 22.91 -32.99 -30.19
C GLY B 235 21.58 -32.47 -30.72
N VAL B 236 20.60 -32.34 -29.84
CA VAL B 236 19.24 -31.82 -30.19
C VAL B 236 19.22 -30.33 -29.83
N ALA B 237 18.65 -29.48 -30.69
CA ALA B 237 18.50 -28.04 -30.42
C ALA B 237 17.77 -27.87 -29.08
N PRO B 238 18.20 -26.92 -28.22
CA PRO B 238 17.59 -26.77 -26.90
C PRO B 238 16.13 -26.33 -26.99
N SER B 239 15.29 -26.82 -26.09
CA SER B 239 13.87 -26.42 -25.97
C SER B 239 13.56 -26.07 -24.51
N ARG B 240 12.30 -25.83 -24.19
CA ARG B 240 11.90 -25.28 -22.88
C ARG B 240 12.24 -26.27 -21.77
N ARG B 241 12.00 -27.58 -22.00
CA ARG B 241 12.24 -28.60 -20.95
C ARG B 241 13.73 -28.60 -20.58
N GLY B 242 14.61 -28.39 -21.55
CA GLY B 242 16.07 -28.34 -21.30
C GLY B 242 16.43 -27.22 -20.33
N ASP B 243 15.85 -26.02 -20.50
CA ASP B 243 16.11 -24.87 -19.59
C ASP B 243 15.68 -25.26 -18.16
N LEU B 244 14.54 -25.92 -18.01
CA LEU B 244 14.00 -26.29 -16.68
C LEU B 244 14.87 -27.39 -16.07
N GLU B 245 15.38 -28.31 -16.90
CA GLU B 245 16.29 -29.41 -16.48
C GLU B 245 17.59 -28.78 -15.98
N ILE B 246 18.13 -27.80 -16.71
CA ILE B 246 19.41 -27.12 -16.33
C ILE B 246 19.22 -26.47 -14.95
N LEU B 247 18.10 -25.80 -14.73
CA LEU B 247 17.81 -25.13 -13.43
C LEU B 247 17.77 -26.20 -12.34
N GLY B 248 17.18 -27.37 -12.61
CA GLY B 248 17.13 -28.52 -11.67
C GLY B 248 18.52 -28.92 -11.21
N TYR B 249 19.45 -29.11 -12.13
CA TYR B 249 20.87 -29.48 -11.83
C TYR B 249 21.52 -28.35 -11.03
N CYS B 250 21.27 -27.08 -11.38
CA CYS B 250 21.80 -25.91 -10.63
C CYS B 250 21.30 -25.96 -9.18
N MET B 251 20.00 -26.23 -8.97
CA MET B 251 19.40 -26.24 -7.61
C MET B 251 20.10 -27.30 -6.75
N ILE B 252 20.33 -28.49 -7.29
CA ILE B 252 21.01 -29.60 -6.55
C ILE B 252 22.45 -29.18 -6.24
N GLN B 253 23.14 -28.64 -7.23
CA GLN B 253 24.49 -28.17 -7.04
C GLN B 253 24.52 -27.14 -5.93
N TRP B 254 23.64 -26.15 -5.96
CA TRP B 254 23.60 -25.03 -4.98
C TRP B 254 23.33 -25.56 -3.56
N LEU B 255 22.41 -26.53 -3.43
CA LEU B 255 21.99 -27.07 -2.11
C LEU B 255 23.08 -27.95 -1.49
N THR B 256 23.77 -28.76 -2.30
CA THR B 256 24.62 -29.88 -1.82
C THR B 256 26.11 -29.62 -2.05
N GLY B 257 26.46 -28.70 -2.94
CA GLY B 257 27.85 -28.44 -3.35
C GLY B 257 28.34 -29.41 -4.41
N HIS B 258 27.58 -30.46 -4.75
CA HIS B 258 28.03 -31.49 -5.71
C HIS B 258 26.97 -31.95 -6.72
N LEU B 259 27.45 -32.67 -7.73
CA LEU B 259 26.63 -33.32 -8.75
C LEU B 259 27.29 -34.70 -8.97
N PRO B 260 26.45 -35.75 -9.09
CA PRO B 260 27.01 -37.11 -9.25
C PRO B 260 28.07 -37.30 -10.33
N TRP B 261 27.93 -36.59 -11.44
CA TRP B 261 28.84 -36.70 -12.59
C TRP B 261 30.02 -35.74 -12.61
N GLU B 262 30.23 -34.98 -11.53
CA GLU B 262 31.31 -34.00 -11.46
C GLU B 262 32.72 -34.59 -11.48
N ASP B 263 32.86 -35.83 -11.03
CA ASP B 263 34.16 -36.50 -11.00
C ASP B 263 34.75 -36.71 -12.39
N ASN B 264 33.93 -36.97 -13.40
CA ASN B 264 34.46 -37.20 -14.73
C ASN B 264 33.77 -36.35 -15.81
N LEU B 265 34.02 -35.03 -15.76
CA LEU B 265 33.44 -34.09 -16.73
C LEU B 265 34.15 -34.13 -18.08
N LYS B 266 35.36 -34.68 -18.11
CA LYS B 266 36.13 -34.86 -19.33
C LYS B 266 35.56 -35.95 -20.27
N ASP B 267 34.65 -36.77 -19.77
CA ASP B 267 34.02 -37.81 -20.54
C ASP B 267 32.56 -37.41 -20.77
N PRO B 268 32.28 -36.67 -21.87
CA PRO B 268 30.90 -36.23 -22.09
C PRO B 268 29.86 -37.35 -22.21
N LYS B 269 30.24 -38.48 -22.77
CA LYS B 269 29.31 -39.59 -22.90
C LYS B 269 28.89 -40.09 -21.51
N TYR B 270 29.84 -40.14 -20.60
CA TYR B 270 29.55 -40.58 -19.24
C TYR B 270 28.58 -39.62 -18.54
N VAL B 271 28.79 -38.33 -18.75
CA VAL B 271 27.92 -37.33 -18.15
C VAL B 271 26.51 -37.48 -18.69
N ARG B 272 26.40 -37.69 -20.00
CA ARG B 272 25.09 -37.86 -20.63
C ARG B 272 24.39 -39.10 -20.10
N ASP B 273 25.12 -40.20 -20.01
CA ASP B 273 24.57 -41.46 -19.54
C ASP B 273 24.14 -41.38 -18.09
N SER B 274 24.93 -40.68 -17.29
CA SER B 274 24.61 -40.51 -15.88
C SER B 274 23.28 -39.75 -15.72
N LYS B 275 23.16 -38.63 -16.42
CA LYS B 275 21.91 -37.82 -16.39
C LYS B 275 20.73 -38.66 -16.88
N ILE B 276 20.91 -39.47 -17.92
CA ILE B 276 19.84 -40.34 -18.47
C ILE B 276 19.42 -41.34 -17.39
N ARG B 277 20.38 -41.96 -16.72
CA ARG B 277 20.10 -42.93 -15.68
C ARG B 277 19.38 -42.33 -14.47
N TYR B 278 19.78 -41.12 -14.10
CA TYR B 278 19.21 -40.40 -12.93
C TYR B 278 17.83 -39.82 -13.29
N ARG B 279 17.55 -39.54 -14.56
CA ARG B 279 16.19 -39.16 -15.02
C ARG B 279 15.26 -40.38 -14.94
N GLU B 280 15.74 -41.55 -15.35
CA GLU B 280 14.97 -42.82 -15.32
C GLU B 280 14.60 -43.18 -13.87
N ASN B 281 15.48 -42.84 -12.91
CA ASN B 281 15.29 -43.17 -11.47
C ASN B 281 15.63 -41.94 -10.62
N ILE B 282 14.65 -41.05 -10.44
CA ILE B 282 14.84 -39.77 -9.71
C ILE B 282 15.05 -40.08 -8.21
N ALA B 283 14.42 -41.13 -7.68
CA ALA B 283 14.66 -41.58 -6.28
C ALA B 283 16.16 -41.80 -6.07
N SER B 284 16.86 -42.46 -7.01
CA SER B 284 18.31 -42.75 -6.88
C SER B 284 19.11 -41.45 -6.97
N LEU B 285 18.67 -40.46 -7.77
CA LEU B 285 19.32 -39.12 -7.82
C LEU B 285 19.21 -38.45 -6.44
N MET B 286 18.01 -38.47 -5.83
CA MET B 286 17.78 -37.86 -4.50
C MET B 286 18.65 -38.57 -3.46
N ASP B 287 18.72 -39.91 -3.51
CA ASP B 287 19.55 -40.74 -2.58
C ASP B 287 21.03 -40.42 -2.77
N LYS B 288 21.48 -40.26 -4.02
CA LYS B 288 22.89 -39.97 -4.36
C LYS B 288 23.26 -38.56 -3.86
N CYS B 289 22.48 -37.56 -4.27
CA CYS B 289 22.67 -36.16 -3.93
C CYS B 289 22.45 -35.75 -2.47
N PHE B 290 21.51 -36.40 -1.81
CA PHE B 290 21.20 -36.13 -0.42
C PHE B 290 21.29 -37.46 0.32
N PRO B 291 22.51 -37.94 0.54
CA PRO B 291 22.80 -39.23 1.17
C PRO B 291 22.25 -39.30 2.58
N ALA B 292 22.32 -38.21 3.31
CA ALA B 292 21.74 -38.18 4.67
C ALA B 292 20.27 -38.61 4.61
N ALA B 293 19.67 -38.81 3.43
CA ALA B 293 18.28 -39.25 3.20
C ALA B 293 17.29 -38.14 3.58
N ASN B 294 17.73 -36.88 3.51
CA ASN B 294 16.93 -35.68 3.83
C ASN B 294 16.72 -34.84 2.56
N ALA B 295 16.18 -35.48 1.52
CA ALA B 295 15.93 -34.82 0.21
C ALA B 295 14.74 -33.86 0.34
N PRO B 296 14.93 -32.56 0.03
CA PRO B 296 13.82 -31.60 0.00
C PRO B 296 12.78 -32.06 -1.03
N GLY B 297 11.56 -32.36 -0.58
CA GLY B 297 10.47 -32.93 -1.40
C GLY B 297 10.20 -32.12 -2.66
N GLU B 298 10.31 -30.79 -2.59
CA GLU B 298 9.98 -29.90 -3.74
C GLU B 298 11.00 -30.12 -4.87
N ILE B 299 12.25 -30.46 -4.55
CA ILE B 299 13.30 -30.73 -5.58
C ILE B 299 12.93 -32.01 -6.34
N ALA B 300 12.54 -33.07 -5.63
CA ALA B 300 12.09 -34.34 -6.24
C ALA B 300 10.88 -34.06 -7.13
N LYS B 301 9.88 -33.33 -6.63
CA LYS B 301 8.63 -33.03 -7.39
C LYS B 301 8.98 -32.20 -8.63
N TYR B 302 9.89 -31.24 -8.49
CA TYR B 302 10.39 -30.41 -9.62
C TYR B 302 10.97 -31.33 -10.70
N MET B 303 11.90 -32.22 -10.34
CA MET B 303 12.59 -33.11 -11.31
C MET B 303 11.58 -34.06 -11.95
N GLU B 304 10.61 -34.58 -11.18
CA GLU B 304 9.55 -35.49 -11.69
C GLU B 304 8.70 -34.74 -12.73
N THR B 305 8.40 -33.47 -12.47
CA THR B 305 7.52 -32.64 -13.35
C THR B 305 8.27 -32.36 -14.65
N VAL B 306 9.55 -32.01 -14.59
CA VAL B 306 10.40 -31.76 -15.79
C VAL B 306 10.53 -33.05 -16.62
N LYS B 307 10.66 -34.19 -15.96
CA LYS B 307 10.76 -35.52 -16.62
C LYS B 307 9.52 -35.76 -17.50
N LEU B 308 8.36 -35.26 -17.09
CA LEU B 308 7.07 -35.49 -17.80
C LEU B 308 6.97 -34.62 -19.06
N LEU B 309 7.83 -33.61 -19.23
CA LEU B 309 7.76 -32.71 -20.41
C LEU B 309 8.28 -33.41 -21.65
N ASP B 310 7.50 -33.37 -22.73
CA ASP B 310 7.96 -33.74 -24.09
C ASP B 310 8.79 -32.58 -24.64
N TYR B 311 9.56 -32.86 -25.69
CA TYR B 311 10.52 -31.91 -26.30
C TYR B 311 9.81 -30.60 -26.70
N THR B 312 8.61 -30.67 -27.28
CA THR B 312 7.89 -29.47 -27.80
C THR B 312 6.87 -28.93 -26.78
N GLU B 313 6.77 -29.56 -25.61
CA GLU B 313 5.67 -29.31 -24.65
C GLU B 313 5.86 -27.95 -23.97
N LYS B 314 4.79 -27.16 -23.86
CA LYS B 314 4.77 -25.91 -23.06
C LYS B 314 4.69 -26.30 -21.59
N PRO B 315 5.69 -25.91 -20.75
CA PRO B 315 5.62 -26.16 -19.32
C PRO B 315 4.39 -25.49 -18.69
N LEU B 316 3.83 -26.09 -17.64
CA LEU B 316 2.84 -25.44 -16.75
C LEU B 316 3.64 -24.70 -15.66
N TYR B 317 4.04 -23.47 -15.96
CA TYR B 317 4.98 -22.66 -15.13
C TYR B 317 4.35 -22.43 -13.73
N GLU B 318 3.03 -22.29 -13.64
CA GLU B 318 2.31 -22.06 -12.36
C GLU B 318 2.43 -23.30 -11.46
N ASN B 319 2.30 -24.49 -12.03
CA ASN B 319 2.49 -25.79 -11.31
C ASN B 319 3.93 -25.81 -10.76
N LEU B 320 4.93 -25.41 -11.56
CA LEU B 320 6.34 -25.43 -11.10
C LEU B 320 6.55 -24.43 -9.98
N ARG B 321 5.96 -23.24 -10.08
CA ARG B 321 6.05 -22.24 -9.02
C ARG B 321 5.40 -22.73 -7.74
N ASP B 322 4.21 -23.31 -7.87
CA ASP B 322 3.46 -23.88 -6.73
C ASP B 322 4.34 -24.92 -6.01
N ILE B 323 5.04 -25.78 -6.76
CA ILE B 323 5.96 -26.80 -6.17
C ILE B 323 7.00 -26.08 -5.31
N LEU B 324 7.64 -25.02 -5.83
CA LEU B 324 8.71 -24.28 -5.10
C LEU B 324 8.10 -23.53 -3.91
N LEU B 325 6.89 -22.98 -4.04
CA LEU B 325 6.20 -22.25 -2.94
C LEU B 325 5.89 -23.21 -1.79
N GLN B 326 5.53 -24.45 -2.08
CA GLN B 326 5.27 -25.48 -1.03
C GLN B 326 6.58 -25.74 -0.27
N GLY B 327 7.73 -25.66 -0.94
CA GLY B 327 9.07 -25.75 -0.32
C GLY B 327 9.27 -24.65 0.70
N LEU B 328 8.93 -23.40 0.35
CA LEU B 328 9.05 -22.23 1.26
C LEU B 328 8.10 -22.41 2.46
N LYS B 329 6.87 -22.86 2.22
CA LYS B 329 5.88 -23.15 3.29
C LYS B 329 6.47 -24.19 4.25
N ALA B 330 7.06 -25.26 3.72
CA ALA B 330 7.62 -26.40 4.49
C ALA B 330 8.69 -25.93 5.49
N ILE B 331 9.44 -24.86 5.17
CA ILE B 331 10.54 -24.33 6.05
C ILE B 331 10.05 -23.11 6.84
N GLY B 332 8.73 -22.87 6.89
CA GLY B 332 8.12 -21.80 7.69
C GLY B 332 8.38 -20.42 7.09
N SER B 333 8.59 -20.33 5.78
CA SER B 333 8.85 -19.05 5.08
C SER B 333 7.75 -18.79 4.04
N LYS B 334 7.99 -17.82 3.19
CA LYS B 334 7.09 -17.40 2.14
C LYS B 334 7.90 -16.66 1.09
N ASP B 335 7.29 -16.39 -0.06
CA ASP B 335 8.02 -15.70 -1.08
C ASP B 335 7.96 -14.21 -0.83
N ASP B 336 8.96 -13.73 -0.09
CA ASP B 336 9.09 -12.32 0.26
C ASP B 336 10.14 -11.64 -0.59
N GLY B 337 10.65 -12.35 -1.58
CA GLY B 337 11.68 -11.84 -2.50
C GLY B 337 13.06 -11.67 -1.85
N LYS B 338 13.28 -12.19 -0.65
CA LYS B 338 14.58 -12.08 0.08
C LYS B 338 15.47 -13.25 -0.32
N LEU B 339 16.58 -12.97 -1.02
CA LEU B 339 17.52 -14.01 -1.51
C LEU B 339 18.39 -14.52 -0.36
N ASP B 340 18.57 -13.72 0.70
CA ASP B 340 19.32 -14.10 1.92
C ASP B 340 20.78 -14.40 1.57
N LEU B 341 21.40 -13.63 0.68
CA LEU B 341 22.81 -13.79 0.26
C LEU B 341 23.75 -13.02 1.19
N GLU C 21 6.59 -18.66 56.82
CA GLU C 21 6.08 -19.91 57.37
C GLU C 21 5.63 -20.89 56.28
N GLN C 22 5.65 -20.46 55.02
CA GLN C 22 5.25 -21.31 53.91
C GLN C 22 6.16 -22.51 53.76
N PHE C 23 7.45 -22.30 53.93
CA PHE C 23 8.41 -23.36 53.76
C PHE C 23 9.49 -23.41 54.83
N ALA C 24 9.99 -24.62 55.11
CA ALA C 24 11.18 -24.83 55.95
C ALA C 24 12.41 -24.47 55.11
N VAL C 25 13.36 -23.73 55.69
CA VAL C 25 14.71 -23.49 55.08
C VAL C 25 15.36 -24.86 54.83
N GLY C 26 15.81 -25.13 53.61
CA GLY C 26 16.40 -26.41 53.19
C GLY C 26 15.36 -27.37 52.60
N GLU C 27 14.07 -27.05 52.66
CA GLU C 27 12.98 -27.85 52.04
C GLU C 27 13.18 -27.97 50.52
N ILE C 28 12.93 -29.14 49.94
CA ILE C 28 12.95 -29.38 48.47
C ILE C 28 11.51 -29.30 47.95
N ILE C 29 11.29 -28.46 46.94
CA ILE C 29 9.96 -28.31 46.27
C ILE C 29 10.14 -28.68 44.80
N THR C 30 9.09 -29.25 44.21
CA THR C 30 9.05 -29.62 42.77
C THR C 30 8.02 -28.72 42.09
N ASP C 31 8.32 -28.17 40.92
CA ASP C 31 7.40 -27.30 40.22
C ASP C 31 6.55 -28.16 39.25
N MET C 32 5.70 -27.52 38.46
CA MET C 32 4.73 -28.20 37.55
C MET C 32 5.47 -28.99 36.47
N ALA C 33 6.68 -28.54 36.08
CA ALA C 33 7.50 -29.19 35.04
C ALA C 33 8.43 -30.23 35.67
N ALA C 34 8.25 -30.52 36.96
CA ALA C 34 8.97 -31.56 37.74
C ALA C 34 10.44 -31.17 37.95
N ALA C 35 10.81 -29.89 37.81
CA ALA C 35 12.14 -29.37 38.19
C ALA C 35 12.20 -29.24 39.72
N ALA C 36 13.32 -29.67 40.33
CA ALA C 36 13.54 -29.68 41.79
C ALA C 36 14.28 -28.40 42.20
N TRP C 37 13.85 -27.79 43.33
CA TRP C 37 14.42 -26.57 43.87
C TRP C 37 14.55 -26.71 45.40
N LYS C 38 15.55 -26.06 45.98
CA LYS C 38 15.76 -26.00 47.46
C LYS C 38 15.44 -24.57 47.90
N VAL C 39 14.75 -24.43 49.03
CA VAL C 39 14.33 -23.12 49.63
C VAL C 39 15.37 -22.70 50.67
N GLY C 40 15.78 -21.44 50.64
CA GLY C 40 16.65 -20.79 51.65
C GLY C 40 15.87 -19.81 52.49
N LEU C 41 16.54 -18.77 52.98
CA LEU C 41 15.98 -17.84 54.00
C LEU C 41 14.92 -16.96 53.36
N PRO C 42 13.86 -16.58 54.12
CA PRO C 42 12.93 -15.55 53.65
C PRO C 42 13.67 -14.20 53.58
N ILE C 43 13.28 -13.32 52.64
CA ILE C 43 13.91 -11.97 52.46
C ILE C 43 12.84 -10.90 52.55
N CYS C 50 5.60 -12.82 50.77
CA CYS C 50 6.27 -14.08 51.05
C CYS C 50 7.27 -14.40 49.94
N ILE C 51 8.57 -14.19 50.20
CA ILE C 51 9.62 -14.45 49.18
C ILE C 51 10.83 -15.07 49.88
N TYR C 52 11.43 -16.08 49.28
CA TYR C 52 12.61 -16.61 49.82
C TYR C 52 13.68 -16.76 48.76
N LEU C 53 14.90 -16.92 49.24
CA LEU C 53 16.05 -17.35 48.41
C LEU C 53 15.79 -18.80 47.97
N ALA C 54 16.34 -19.19 46.82
CA ALA C 54 16.20 -20.54 46.30
C ALA C 54 17.28 -20.83 45.27
N ASP C 55 17.54 -22.12 45.07
CA ASP C 55 18.54 -22.61 44.10
C ASP C 55 18.04 -23.98 43.58
N MET C 56 18.66 -24.50 42.53
CA MET C 56 18.47 -25.88 42.06
C MET C 56 18.69 -26.83 43.25
N ASN C 57 17.94 -27.93 43.29
CA ASN C 57 18.13 -28.99 44.31
C ASN C 57 19.57 -29.50 44.25
N SER C 58 20.21 -29.64 45.41
CA SER C 58 21.59 -30.17 45.60
C SER C 58 21.74 -30.58 47.07
N SER C 59 22.84 -31.25 47.41
CA SER C 59 23.19 -31.64 48.80
C SER C 59 23.60 -30.40 49.62
N GLU C 60 23.96 -29.29 48.96
CA GLU C 60 24.38 -28.03 49.63
C GLU C 60 23.14 -27.19 50.00
N SER C 61 23.15 -26.52 51.16
CA SER C 61 22.07 -25.60 51.61
C SER C 61 22.10 -24.35 50.73
N VAL C 62 20.98 -23.65 50.63
CA VAL C 62 20.84 -22.41 49.81
C VAL C 62 21.48 -21.28 50.62
N GLY C 63 22.52 -20.66 50.06
CA GLY C 63 23.29 -19.59 50.72
C GLY C 63 22.71 -18.22 50.45
N SER C 64 23.31 -17.19 51.04
CA SER C 64 22.95 -15.76 50.88
C SER C 64 23.24 -15.29 49.45
N ASP C 65 24.00 -16.04 48.66
CA ASP C 65 24.36 -15.71 47.26
C ASP C 65 23.49 -16.51 46.26
N ALA C 66 22.34 -17.04 46.70
CA ALA C 66 21.42 -17.82 45.84
C ALA C 66 21.05 -17.01 44.59
N PRO C 67 21.00 -17.65 43.40
CA PRO C 67 20.68 -16.96 42.15
C PRO C 67 19.18 -16.82 41.86
N CYS C 68 18.33 -17.45 42.67
CA CYS C 68 16.90 -17.43 42.44
C CYS C 68 16.10 -17.06 43.68
N VAL C 69 14.86 -16.66 43.45
CA VAL C 69 13.95 -16.37 44.53
C VAL C 69 12.64 -17.09 44.26
N VAL C 70 11.93 -17.49 45.32
CA VAL C 70 10.65 -18.13 45.12
C VAL C 70 9.55 -17.30 45.86
N LYS C 71 8.61 -16.73 45.10
CA LYS C 71 7.49 -15.90 45.59
C LYS C 71 6.28 -16.80 45.80
N VAL C 72 5.56 -16.60 46.91
CA VAL C 72 4.39 -17.38 47.24
C VAL C 72 3.23 -16.46 47.67
N GLU C 73 2.05 -16.66 47.09
CA GLU C 73 0.79 -15.95 47.42
C GLU C 73 -0.33 -16.98 47.44
N PRO C 74 -1.47 -16.72 48.12
CA PRO C 74 -2.63 -17.59 47.98
C PRO C 74 -2.99 -17.71 46.49
N SER C 75 -3.50 -18.89 46.11
CA SER C 75 -3.98 -19.21 44.74
C SER C 75 -4.99 -18.16 44.27
N ASP C 76 -5.74 -17.54 45.18
CA ASP C 76 -6.75 -16.53 44.84
C ASP C 76 -6.17 -15.16 44.51
N ASN C 77 -4.89 -14.98 44.76
CA ASN C 77 -4.21 -13.67 44.56
C ASN C 77 -4.16 -13.35 43.05
N GLY C 78 -4.89 -12.31 42.64
CA GLY C 78 -5.00 -11.85 41.24
C GLY C 78 -3.66 -11.40 40.68
N PRO C 79 -2.94 -10.46 41.35
CA PRO C 79 -1.66 -9.96 40.86
C PRO C 79 -0.59 -11.03 40.56
N LEU C 80 -0.43 -12.04 41.42
CA LEU C 80 0.59 -13.09 41.17
C LEU C 80 0.18 -13.88 39.92
N PHE C 81 -1.11 -14.11 39.70
CA PHE C 81 -1.59 -14.82 38.48
C PHE C 81 -1.23 -13.99 37.23
N THR C 82 -1.52 -12.68 37.26
CA THR C 82 -1.20 -11.74 36.15
C THR C 82 0.32 -11.78 35.90
N GLU C 83 1.11 -11.68 36.95
CA GLU C 83 2.59 -11.69 36.88
C GLU C 83 3.06 -13.03 36.30
N LEU C 84 2.54 -14.13 36.83
CA LEU C 84 2.91 -15.50 36.38
C LEU C 84 2.61 -15.65 34.89
N LYS C 85 1.45 -15.20 34.41
CA LYS C 85 1.10 -15.29 32.97
C LYS C 85 2.08 -14.46 32.15
N PHE C 86 2.44 -13.26 32.62
CA PHE C 86 3.44 -12.43 31.89
C PHE C 86 4.76 -13.22 31.78
N TYR C 87 5.26 -13.74 32.89
CA TYR C 87 6.56 -14.44 32.96
C TYR C 87 6.52 -15.71 32.10
N GLN C 88 5.42 -16.46 32.10
CA GLN C 88 5.27 -17.71 31.31
C GLN C 88 5.25 -17.37 29.80
N ARG C 89 4.65 -16.23 29.43
CA ARG C 89 4.47 -15.82 28.01
C ARG C 89 5.71 -15.13 27.46
N ALA C 90 6.42 -14.33 28.27
CA ALA C 90 7.41 -13.36 27.78
C ALA C 90 8.80 -13.55 28.40
N ALA C 91 8.99 -14.35 29.44
CA ALA C 91 10.27 -14.40 30.19
C ALA C 91 10.81 -15.83 30.28
N LYS C 92 10.53 -16.67 29.30
CA LYS C 92 11.17 -18.01 29.18
C LYS C 92 12.65 -17.80 28.92
N PRO C 93 13.55 -18.47 29.66
CA PRO C 93 14.99 -18.19 29.57
C PRO C 93 15.50 -18.19 28.13
N GLU C 94 15.07 -19.17 27.33
CA GLU C 94 15.53 -19.43 25.94
C GLU C 94 14.99 -18.31 25.04
N GLN C 95 13.77 -17.85 25.30
CA GLN C 95 13.10 -16.76 24.56
C GLN C 95 13.90 -15.47 24.75
N ILE C 96 14.30 -15.16 25.98
CA ILE C 96 15.11 -13.96 26.32
C ILE C 96 16.50 -14.10 25.68
N GLN C 97 17.14 -15.26 25.78
CA GLN C 97 18.51 -15.47 25.21
C GLN C 97 18.43 -15.33 23.68
N LYS C 98 17.40 -15.87 23.02
CA LYS C 98 17.24 -15.74 21.55
C LYS C 98 17.14 -14.25 21.16
N TRP C 99 16.38 -13.47 21.93
CA TRP C 99 16.21 -12.02 21.69
C TRP C 99 17.55 -11.29 21.85
N ILE C 100 18.28 -11.55 22.93
CA ILE C 100 19.62 -10.96 23.21
C ILE C 100 20.54 -11.24 22.01
N ARG C 101 20.54 -12.49 21.50
CA ARG C 101 21.40 -12.91 20.37
C ARG C 101 20.98 -12.14 19.12
N THR C 102 19.70 -12.17 18.75
CA THR C 102 19.21 -11.66 17.43
C THR C 102 19.21 -10.12 17.40
N ARG C 103 19.07 -9.45 18.55
CA ARG C 103 19.08 -7.97 18.64
C ARG C 103 20.49 -7.47 19.00
N LYS C 104 21.45 -8.39 19.16
CA LYS C 104 22.87 -8.09 19.49
C LYS C 104 22.95 -7.21 20.73
N LEU C 105 22.27 -7.59 21.81
CA LEU C 105 22.30 -6.87 23.11
C LEU C 105 23.40 -7.49 23.97
N LYS C 106 23.91 -6.76 24.96
CA LYS C 106 24.85 -7.29 25.98
C LYS C 106 24.06 -8.15 26.96
N TYR C 107 22.82 -7.75 27.27
CA TYR C 107 21.89 -8.42 28.20
C TYR C 107 20.50 -7.83 27.95
N LEU C 108 19.47 -8.40 28.57
CA LEU C 108 18.09 -7.85 28.57
C LEU C 108 17.55 -7.86 30.00
N GLY C 109 17.10 -6.70 30.49
CA GLY C 109 16.66 -6.52 31.89
C GLY C 109 15.24 -6.99 32.13
N VAL C 110 14.85 -8.12 31.54
CA VAL C 110 13.60 -8.86 31.90
C VAL C 110 14.01 -10.04 32.78
N PRO C 111 13.47 -10.16 34.01
CA PRO C 111 13.80 -11.28 34.87
C PRO C 111 13.42 -12.62 34.19
N LYS C 112 14.26 -13.64 34.36
CA LYS C 112 14.04 -15.00 33.83
C LYS C 112 13.06 -15.74 34.75
N TYR C 113 12.14 -16.51 34.13
CA TYR C 113 11.13 -17.31 34.77
C TYR C 113 11.64 -18.73 34.84
N TRP C 114 11.79 -19.29 36.03
CA TRP C 114 12.29 -20.64 36.12
C TRP C 114 11.26 -21.73 36.41
N GLY C 115 10.05 -21.33 36.76
CA GLY C 115 9.01 -22.30 37.04
C GLY C 115 8.01 -21.84 38.06
N SER C 116 7.01 -22.67 38.28
CA SER C 116 5.94 -22.36 39.23
C SER C 116 5.20 -23.64 39.57
N GLY C 117 4.24 -23.60 40.55
CA GLY C 117 3.41 -24.74 41.01
C GLY C 117 2.40 -24.28 42.04
N LEU C 118 1.73 -25.25 42.66
CA LEU C 118 0.75 -25.07 43.75
C LEU C 118 1.31 -25.79 44.98
N HIS C 119 1.03 -25.24 46.17
CA HIS C 119 1.54 -25.76 47.40
C HIS C 119 0.50 -25.52 48.52
N ASP C 120 0.07 -26.58 49.19
CA ASP C 120 -0.88 -26.51 50.34
C ASP C 120 -0.09 -26.28 51.62
N LYS C 121 -0.68 -25.53 52.56
CA LYS C 121 -0.09 -25.25 53.85
C LYS C 121 -1.26 -24.82 54.76
N ASN C 122 -1.41 -25.44 55.93
CA ASN C 122 -2.46 -25.14 56.93
C ASN C 122 -3.84 -25.26 56.25
N GLY C 123 -4.01 -26.25 55.36
CA GLY C 123 -5.27 -26.54 54.64
C GLY C 123 -5.68 -25.46 53.64
N LYS C 124 -4.78 -24.56 53.23
CA LYS C 124 -5.06 -23.49 52.24
C LYS C 124 -4.16 -23.71 51.01
N SER C 125 -4.56 -23.20 49.85
CA SER C 125 -3.85 -23.38 48.55
C SER C 125 -3.02 -22.14 48.21
N TYR C 126 -1.74 -22.34 47.89
CA TYR C 126 -0.86 -21.27 47.55
C TYR C 126 -0.19 -21.57 46.19
N ARG C 127 0.07 -20.52 45.44
CA ARG C 127 0.78 -20.56 44.13
C ARG C 127 2.21 -20.08 44.41
N PHE C 128 3.21 -20.77 43.88
CA PHE C 128 4.56 -20.33 44.07
C PHE C 128 5.21 -20.11 42.71
N MET C 129 6.14 -19.17 42.61
CA MET C 129 6.80 -18.86 41.36
C MET C 129 8.30 -18.71 41.58
N ILE C 130 9.13 -19.26 40.69
CA ILE C 130 10.58 -19.18 40.84
C ILE C 130 11.18 -18.22 39.79
N MET C 131 11.94 -17.22 40.23
CA MET C 131 12.52 -16.21 39.35
C MET C 131 13.96 -15.87 39.70
N ASP C 132 14.61 -15.06 38.86
CA ASP C 132 15.95 -14.47 39.14
C ASP C 132 15.96 -13.72 40.47
N ARG C 133 17.03 -13.87 41.23
CA ARG C 133 17.38 -13.06 42.41
C ARG C 133 18.20 -11.85 41.96
N PHE C 134 17.87 -10.66 42.47
CA PHE C 134 18.60 -9.40 42.14
C PHE C 134 19.28 -8.84 43.38
N GLY C 135 20.10 -7.80 43.18
CA GLY C 135 20.68 -7.00 44.27
C GLY C 135 19.80 -5.82 44.61
N SER C 136 20.39 -4.66 44.85
CA SER C 136 19.73 -3.42 45.32
C SER C 136 18.78 -2.87 44.26
N ASP C 137 17.68 -2.25 44.69
CA ASP C 137 16.84 -1.40 43.81
C ASP C 137 17.56 -0.07 43.62
N LEU C 138 17.22 0.63 42.53
CA LEU C 138 17.84 1.93 42.15
C LEU C 138 17.39 3.03 43.13
N GLN C 139 16.23 2.90 43.75
CA GLN C 139 15.68 3.95 44.65
C GLN C 139 16.62 4.11 45.85
N LYS C 140 17.12 3.00 46.42
CA LYS C 140 18.06 2.99 47.56
C LYS C 140 19.35 3.72 47.14
N ILE C 141 19.85 3.41 45.93
CA ILE C 141 21.12 3.99 45.39
C ILE C 141 20.91 5.48 45.10
N TYR C 142 19.76 5.83 44.51
CA TYR C 142 19.32 7.22 44.24
C TYR C 142 19.37 8.05 45.53
N GLU C 143 18.75 7.54 46.59
CA GLU C 143 18.65 8.22 47.91
C GLU C 143 20.06 8.33 48.53
N ALA C 144 20.89 7.30 48.40
CA ALA C 144 22.28 7.29 48.90
C ALA C 144 23.10 8.36 48.18
N ASN C 145 22.69 8.77 46.97
CA ASN C 145 23.40 9.76 46.11
C ASN C 145 22.72 11.13 46.21
N ALA C 146 22.04 11.44 47.32
CA ALA C 146 21.31 12.71 47.56
C ALA C 146 20.32 13.00 46.42
N LYS C 147 19.63 11.95 45.96
CA LYS C 147 18.51 12.03 44.97
C LYS C 147 18.97 12.73 43.68
N ARG C 148 20.14 12.36 43.18
CA ARG C 148 20.61 12.72 41.82
C ARG C 148 21.29 11.50 41.18
N PHE C 149 21.05 11.28 39.90
CA PHE C 149 21.92 10.49 39.00
C PHE C 149 22.56 11.47 38.01
N SER C 150 23.82 11.24 37.65
CA SER C 150 24.54 11.99 36.60
C SER C 150 23.79 11.85 35.26
N ARG C 151 24.06 12.75 34.32
CA ARG C 151 23.52 12.66 32.93
C ARG C 151 23.95 11.32 32.31
N LYS C 152 25.22 10.94 32.50
CA LYS C 152 25.79 9.66 32.00
C LYS C 152 24.92 8.49 32.51
N THR C 153 24.68 8.43 33.82
CA THR C 153 23.91 7.32 34.46
C THR C 153 22.49 7.28 33.89
N VAL C 154 21.83 8.44 33.80
CA VAL C 154 20.41 8.52 33.37
C VAL C 154 20.30 8.04 31.91
N LEU C 155 21.21 8.48 31.04
CA LEU C 155 21.16 8.09 29.61
C LEU C 155 21.43 6.58 29.49
N GLN C 156 22.38 6.04 30.26
CA GLN C 156 22.73 4.59 30.24
C GLN C 156 21.57 3.75 30.80
N LEU C 157 20.95 4.17 31.90
CA LEU C 157 19.75 3.50 32.47
C LEU C 157 18.64 3.49 31.41
N SER C 158 18.39 4.64 30.80
CA SER C 158 17.23 4.84 29.90
C SER C 158 17.40 4.00 28.62
N LEU C 159 18.62 3.88 28.10
CA LEU C 159 18.87 3.03 26.90
C LEU C 159 18.48 1.58 27.22
N ARG C 160 18.81 1.08 28.41
CA ARG C 160 18.55 -0.32 28.81
C ARG C 160 17.06 -0.48 29.09
N ILE C 161 16.41 0.53 29.64
CA ILE C 161 14.94 0.50 29.90
C ILE C 161 14.21 0.53 28.55
N LEU C 162 14.68 1.29 27.57
CA LEU C 162 14.10 1.25 26.20
C LEU C 162 14.22 -0.16 25.60
N ASP C 163 15.33 -0.88 25.85
CA ASP C 163 15.48 -2.29 25.39
C ASP C 163 14.41 -3.17 26.04
N ILE C 164 14.20 -3.03 27.35
CA ILE C 164 13.19 -3.79 28.13
C ILE C 164 11.80 -3.47 27.61
N LEU C 165 11.47 -2.19 27.43
CA LEU C 165 10.12 -1.76 27.02
C LEU C 165 9.83 -2.29 25.62
N GLU C 166 10.79 -2.16 24.70
CA GLU C 166 10.61 -2.72 23.34
C GLU C 166 10.28 -4.21 23.43
N TYR C 167 11.02 -4.95 24.26
CA TYR C 167 10.83 -6.41 24.42
C TYR C 167 9.41 -6.69 24.92
N ILE C 168 9.01 -6.11 26.05
CA ILE C 168 7.67 -6.44 26.65
C ILE C 168 6.55 -5.98 25.71
N HIS C 169 6.70 -4.80 25.08
CA HIS C 169 5.72 -4.27 24.09
C HIS C 169 5.57 -5.24 22.92
N GLU C 170 6.69 -5.76 22.40
CA GLU C 170 6.65 -6.71 21.27
C GLU C 170 6.05 -8.05 21.72
N HIS C 171 5.98 -8.31 23.02
CA HIS C 171 5.34 -9.53 23.59
C HIS C 171 3.96 -9.18 24.20
N GLU C 172 3.34 -8.09 23.74
CA GLU C 172 1.89 -7.77 23.93
C GLU C 172 1.62 -7.16 25.31
N TYR C 173 2.64 -6.75 26.06
CA TYR C 173 2.46 -6.19 27.42
C TYR C 173 3.06 -4.78 27.55
N VAL C 174 2.44 -3.98 28.41
CA VAL C 174 3.00 -2.70 28.93
C VAL C 174 3.09 -2.85 30.44
N HIS C 175 4.05 -2.16 31.04
CA HIS C 175 4.35 -2.26 32.48
C HIS C 175 3.49 -1.29 33.30
N GLY C 176 3.46 -0.02 32.88
CA GLY C 176 2.61 1.02 33.49
C GLY C 176 3.14 1.55 34.81
N ASP C 177 4.31 1.12 35.29
CA ASP C 177 4.78 1.53 36.64
C ASP C 177 6.30 1.51 36.72
N ILE C 178 6.98 2.01 35.69
CA ILE C 178 8.45 2.16 35.68
C ILE C 178 8.81 3.21 36.73
N LYS C 179 9.74 2.87 37.62
CA LYS C 179 10.29 3.77 38.65
C LYS C 179 11.49 3.07 39.29
N ALA C 180 12.32 3.83 40.00
CA ALA C 180 13.61 3.37 40.55
C ALA C 180 13.37 2.19 41.49
N SER C 181 12.27 2.16 42.27
CA SER C 181 12.00 1.06 43.23
C SER C 181 11.66 -0.25 42.50
N ASN C 182 11.32 -0.20 41.21
CA ASN C 182 11.00 -1.40 40.37
C ASN C 182 12.17 -1.70 39.43
N LEU C 183 13.32 -1.05 39.62
CA LEU C 183 14.55 -1.30 38.82
C LEU C 183 15.60 -1.87 39.77
N LEU C 184 16.01 -3.12 39.55
CA LEU C 184 16.97 -3.83 40.44
C LEU C 184 18.24 -4.16 39.65
N LEU C 185 19.40 -4.08 40.31
CA LEU C 185 20.71 -4.44 39.71
C LEU C 185 20.85 -5.96 39.73
N ASN C 186 21.46 -6.51 38.69
CA ASN C 186 22.03 -7.88 38.69
C ASN C 186 22.89 -8.03 39.95
N TYR C 187 22.68 -9.08 40.75
CA TYR C 187 23.38 -9.24 42.05
C TYR C 187 24.88 -9.45 41.81
N LYS C 188 25.28 -9.93 40.63
CA LYS C 188 26.70 -10.12 40.33
C LYS C 188 27.27 -9.04 39.41
N ASN C 189 26.40 -8.23 38.82
CA ASN C 189 26.84 -7.17 37.93
C ASN C 189 26.04 -5.89 38.18
N PRO C 190 26.71 -4.81 38.62
CA PRO C 190 26.08 -3.52 38.94
C PRO C 190 25.82 -2.64 37.73
N ASP C 191 26.23 -3.08 36.56
CA ASP C 191 26.00 -2.32 35.29
C ASP C 191 24.78 -2.87 34.54
N GLN C 192 24.10 -3.86 35.11
CA GLN C 192 22.89 -4.47 34.49
C GLN C 192 21.69 -4.19 35.39
N VAL C 193 20.70 -3.49 34.83
CA VAL C 193 19.46 -3.10 35.54
C VAL C 193 18.30 -3.90 34.95
N TYR C 194 17.39 -4.35 35.81
CA TYR C 194 16.23 -5.20 35.47
C TYR C 194 14.95 -4.50 35.94
N LEU C 195 13.88 -4.59 35.15
CA LEU C 195 12.55 -4.07 35.52
C LEU C 195 11.72 -5.21 36.12
N VAL C 196 11.23 -5.05 37.34
CA VAL C 196 10.40 -6.06 38.05
C VAL C 196 8.98 -5.53 38.28
N ASP C 197 8.13 -6.38 38.85
CA ASP C 197 6.74 -6.10 39.28
C ASP C 197 5.83 -6.00 38.04
N TYR C 198 5.30 -7.14 37.58
CA TYR C 198 4.34 -7.24 36.47
C TYR C 198 2.97 -7.61 37.02
N GLY C 199 2.75 -7.44 38.32
CA GLY C 199 1.48 -7.79 38.99
C GLY C 199 0.30 -7.03 38.43
N LEU C 200 0.49 -5.78 38.02
CA LEU C 200 -0.57 -4.95 37.38
C LEU C 200 -0.19 -4.67 35.92
N ALA C 201 0.66 -5.50 35.31
CA ALA C 201 1.03 -5.34 33.89
C ALA C 201 -0.24 -5.56 33.06
N TYR C 202 -0.27 -4.97 31.86
CA TYR C 202 -1.49 -5.00 31.03
C TYR C 202 -1.14 -5.56 29.65
N ARG C 203 -1.93 -6.52 29.20
CA ARG C 203 -1.78 -7.11 27.88
C ARG C 203 -2.60 -6.23 26.95
N TYR C 204 -1.93 -5.25 26.39
CA TYR C 204 -2.54 -4.17 25.57
C TYR C 204 -2.88 -4.70 24.17
N CYS C 205 -2.27 -5.80 23.73
CA CYS C 205 -2.31 -6.26 22.32
C CYS C 205 -2.46 -7.78 22.21
N PRO C 206 -3.49 -8.40 22.83
CA PRO C 206 -3.64 -9.85 22.76
C PRO C 206 -3.79 -10.31 21.29
N GLU C 207 -2.94 -11.23 20.85
CA GLU C 207 -2.96 -11.74 19.48
C GLU C 207 -2.81 -10.65 18.41
N GLY C 208 -2.07 -9.59 18.73
CA GLY C 208 -1.83 -8.47 17.81
C GLY C 208 -3.03 -7.57 17.61
N VAL C 209 -4.10 -7.68 18.40
CA VAL C 209 -5.28 -6.76 18.36
C VAL C 209 -5.17 -5.75 19.50
N HIS C 210 -4.93 -4.48 19.17
CA HIS C 210 -4.71 -3.40 20.18
C HIS C 210 -6.04 -3.11 20.90
N LYS C 211 -6.01 -3.06 22.22
CA LYS C 211 -7.16 -2.62 23.06
C LYS C 211 -7.58 -1.20 22.64
N ALA C 212 -8.87 -0.93 22.72
CA ALA C 212 -9.44 0.35 22.39
C ALA C 212 -9.12 1.37 23.46
N TYR C 213 -9.28 2.65 23.12
CA TYR C 213 -8.97 3.74 24.03
C TYR C 213 -10.11 3.86 25.02
N ALA C 214 -10.02 3.07 26.08
CA ALA C 214 -11.01 3.02 27.16
C ALA C 214 -10.49 2.34 28.41
N ALA C 215 -11.21 2.54 29.51
CA ALA C 215 -10.98 1.82 30.78
C ALA C 215 -10.99 0.30 30.54
N ASP C 216 -10.29 -0.45 31.40
CA ASP C 216 -10.33 -1.93 31.47
C ASP C 216 -11.03 -2.35 32.76
N PRO C 217 -12.15 -3.10 32.70
CA PRO C 217 -12.81 -3.60 33.91
C PRO C 217 -11.87 -4.48 34.75
N ASP C 222 -4.25 4.73 37.94
CA ASP C 222 -3.38 3.54 38.08
C ASP C 222 -1.92 3.95 37.86
N GLY C 223 -0.97 3.12 38.34
CA GLY C 223 0.47 3.41 38.40
C GLY C 223 0.82 4.18 39.67
N THR C 224 1.96 4.86 39.64
CA THR C 224 2.41 5.68 40.75
C THR C 224 2.04 7.08 40.31
N ILE C 225 1.44 7.87 41.18
CA ILE C 225 0.91 9.17 40.79
C ILE C 225 1.93 10.16 40.23
N GLU C 226 3.12 10.26 40.81
CA GLU C 226 4.10 11.22 40.30
C GLU C 226 4.56 10.89 38.87
N PHE C 227 4.74 9.62 38.57
CA PHE C 227 5.23 9.22 37.25
C PHE C 227 4.23 8.68 36.22
N THR C 228 2.97 8.45 36.60
CA THR C 228 2.01 7.85 35.67
C THR C 228 1.68 8.67 34.42
N SER C 229 1.15 8.00 33.40
CA SER C 229 0.85 8.63 32.09
C SER C 229 -0.45 9.45 32.17
N ILE C 230 -0.57 10.43 31.29
CA ILE C 230 -1.82 11.20 31.08
C ILE C 230 -2.94 10.20 30.76
N ASP C 231 -2.68 9.19 29.93
CA ASP C 231 -3.67 8.14 29.59
C ASP C 231 -4.22 7.52 30.88
N ALA C 232 -3.34 7.13 31.81
CA ALA C 232 -3.73 6.52 33.11
C ALA C 232 -4.53 7.52 33.93
N HIS C 233 -4.13 8.79 33.97
CA HIS C 233 -4.89 9.77 34.72
C HIS C 233 -6.30 9.96 34.13
N ASN C 234 -6.44 9.77 32.82
CA ASN C 234 -7.73 9.92 32.09
C ASN C 234 -8.59 8.66 32.27
N GLY C 235 -8.12 7.66 33.01
CA GLY C 235 -8.91 6.43 33.28
C GLY C 235 -8.88 5.47 32.10
N VAL C 236 -7.94 5.60 31.16
CA VAL C 236 -7.87 4.61 30.04
C VAL C 236 -6.76 3.62 30.36
N ALA C 237 -6.89 2.42 29.79
CA ALA C 237 -5.89 1.36 29.90
C ALA C 237 -4.55 1.88 29.40
N PRO C 238 -3.44 1.51 30.05
CA PRO C 238 -2.11 1.93 29.59
C PRO C 238 -1.77 1.34 28.21
N SER C 239 -1.05 2.11 27.39
CA SER C 239 -0.49 1.62 26.10
C SER C 239 1.00 1.93 26.05
N ARG C 240 1.62 1.73 24.89
CA ARG C 240 3.09 1.83 24.73
C ARG C 240 3.53 3.28 25.00
N ARG C 241 2.79 4.26 24.50
CA ARG C 241 3.22 5.69 24.64
C ARG C 241 3.26 6.05 26.15
N GLY C 242 2.32 5.51 26.94
CA GLY C 242 2.29 5.71 28.40
C GLY C 242 3.59 5.27 29.07
N ASP C 243 4.09 4.08 28.72
CA ASP C 243 5.35 3.53 29.28
C ASP C 243 6.51 4.49 28.96
N LEU C 244 6.56 5.02 27.75
CA LEU C 244 7.66 5.90 27.31
C LEU C 244 7.54 7.27 28.01
N GLU C 245 6.30 7.73 28.23
CA GLU C 245 6.03 8.99 28.97
C GLU C 245 6.50 8.82 30.43
N ILE C 246 6.20 7.67 31.05
CA ILE C 246 6.59 7.38 32.46
C ILE C 246 8.12 7.47 32.56
N LEU C 247 8.85 6.87 31.62
CA LEU C 247 10.33 6.89 31.61
C LEU C 247 10.81 8.36 31.51
N GLY C 248 10.15 9.18 30.68
CA GLY C 248 10.44 10.63 30.56
C GLY C 248 10.41 11.34 31.91
N TYR C 249 9.34 11.15 32.68
CA TYR C 249 9.19 11.74 34.03
C TYR C 249 10.28 11.19 34.98
N CYS C 250 10.59 9.88 34.89
CA CYS C 250 11.68 9.26 35.70
C CYS C 250 13.01 9.95 35.39
N MET C 251 13.31 10.19 34.11
CA MET C 251 14.60 10.79 33.68
C MET C 251 14.76 12.18 34.33
N ILE C 252 13.70 12.99 34.32
CA ILE C 252 13.73 14.36 34.90
C ILE C 252 13.91 14.26 36.42
N GLN C 253 13.12 13.41 37.08
CA GLN C 253 13.25 13.13 38.54
C GLN C 253 14.70 12.75 38.86
N TRP C 254 15.29 11.83 38.08
CA TRP C 254 16.66 11.31 38.37
C TRP C 254 17.71 12.41 38.19
N LEU C 255 17.58 13.24 37.15
CA LEU C 255 18.55 14.32 36.82
C LEU C 255 18.49 15.46 37.83
N THR C 256 17.29 15.86 38.27
CA THR C 256 17.05 17.15 38.98
C THR C 256 16.69 16.93 40.45
N GLY C 257 16.25 15.73 40.82
CA GLY C 257 15.75 15.42 42.18
C GLY C 257 14.30 15.82 42.37
N HIS C 258 13.63 16.36 41.33
CA HIS C 258 12.29 16.98 41.45
C HIS C 258 11.43 16.74 40.21
N LEU C 259 10.12 16.85 40.40
CA LEU C 259 9.12 17.06 39.33
C LEU C 259 8.23 18.23 39.73
N PRO C 260 7.75 19.03 38.76
CA PRO C 260 6.99 20.25 39.08
C PRO C 260 5.76 20.02 39.98
N TRP C 261 5.15 18.84 39.92
CA TRP C 261 3.85 18.53 40.59
C TRP C 261 4.06 17.78 41.91
N GLU C 262 5.31 17.63 42.37
CA GLU C 262 5.66 16.75 43.52
C GLU C 262 5.06 17.29 44.84
N ASP C 263 4.62 18.53 44.89
CA ASP C 263 4.03 19.03 46.11
C ASP C 263 2.50 18.86 46.16
N ASN C 264 1.94 18.39 45.06
CA ASN C 264 0.49 18.20 44.93
C ASN C 264 0.04 16.77 44.66
N LEU C 265 0.81 15.80 45.18
CA LEU C 265 0.59 14.34 44.98
C LEU C 265 -0.67 13.73 45.64
N LYS C 266 -1.34 14.54 46.46
CA LYS C 266 -2.66 14.22 47.08
C LYS C 266 -3.81 14.74 46.20
N ASP C 267 -3.48 15.43 45.11
CA ASP C 267 -4.46 16.01 44.21
C ASP C 267 -4.22 15.55 42.78
N PRO C 268 -4.75 14.36 42.43
CA PRO C 268 -4.57 13.83 41.07
C PRO C 268 -4.96 14.76 39.95
N LYS C 269 -6.04 15.52 40.10
CA LYS C 269 -6.42 16.43 39.02
C LYS C 269 -5.34 17.48 38.76
N TYR C 270 -4.70 17.97 39.82
CA TYR C 270 -3.63 18.93 39.66
C TYR C 270 -2.46 18.29 38.91
N VAL C 271 -2.12 17.06 39.29
CA VAL C 271 -1.05 16.33 38.65
C VAL C 271 -1.33 16.14 37.17
N ARG C 272 -2.54 15.67 36.85
CA ARG C 272 -2.95 15.46 35.43
C ARG C 272 -2.87 16.82 34.70
N ASP C 273 -3.42 17.87 35.28
CA ASP C 273 -3.43 19.19 34.66
C ASP C 273 -2.03 19.67 34.31
N SER C 274 -1.13 19.56 35.28
CA SER C 274 0.29 19.95 35.12
C SER C 274 0.92 19.14 33.98
N LYS C 275 0.74 17.83 33.95
CA LYS C 275 1.31 16.99 32.90
C LYS C 275 0.77 17.35 31.53
N ILE C 276 -0.54 17.59 31.44
CA ILE C 276 -1.19 17.96 30.16
C ILE C 276 -0.58 19.28 29.67
N ARG C 277 -0.45 20.27 30.55
CA ARG C 277 0.06 21.61 30.18
C ARG C 277 1.53 21.49 29.76
N TYR C 278 2.33 20.68 30.46
CA TYR C 278 3.77 20.53 30.19
C TYR C 278 3.99 19.69 28.92
N ARG C 279 3.06 18.79 28.56
CA ARG C 279 3.12 18.06 27.27
C ARG C 279 2.85 19.04 26.12
N GLU C 280 1.88 19.93 26.28
CA GLU C 280 1.52 20.93 25.25
C GLU C 280 2.69 21.90 25.03
N ASN C 281 3.50 22.18 26.06
CA ASN C 281 4.64 23.13 26.00
C ASN C 281 5.86 22.50 26.69
N ILE C 282 6.60 21.67 25.97
CA ILE C 282 7.77 20.91 26.52
C ILE C 282 8.91 21.90 26.84
N ALA C 283 9.05 22.99 26.06
CA ALA C 283 10.01 24.08 26.36
C ALA C 283 9.78 24.58 27.80
N SER C 284 8.53 24.80 28.22
CA SER C 284 8.21 25.30 29.58
C SER C 284 8.55 24.25 30.63
N LEU C 285 8.39 22.95 30.32
CA LEU C 285 8.82 21.87 31.24
C LEU C 285 10.34 21.94 31.45
N MET C 286 11.09 22.07 30.35
CA MET C 286 12.58 22.11 30.40
C MET C 286 13.00 23.36 31.21
N ASP C 287 12.35 24.51 30.96
CA ASP C 287 12.63 25.79 31.67
C ASP C 287 12.31 25.66 33.16
N LYS C 288 11.20 24.99 33.51
CA LYS C 288 10.79 24.76 34.92
C LYS C 288 11.82 23.86 35.61
N CYS C 289 12.25 22.77 34.98
CA CYS C 289 13.02 21.68 35.65
C CYS C 289 14.53 21.94 35.62
N PHE C 290 15.01 22.74 34.68
CA PHE C 290 16.47 22.99 34.51
C PHE C 290 16.73 24.50 34.34
N PRO C 291 17.94 24.98 34.69
CA PRO C 291 18.46 26.24 34.13
C PRO C 291 18.55 26.09 32.60
N ALA C 292 18.15 27.11 31.84
CA ALA C 292 18.14 27.08 30.36
C ALA C 292 19.53 26.64 29.85
N ALA C 293 20.59 27.02 30.56
CA ALA C 293 22.00 26.78 30.16
C ALA C 293 22.38 25.30 30.32
N ASN C 294 21.69 24.57 31.18
CA ASN C 294 21.98 23.15 31.49
C ASN C 294 20.84 22.25 31.00
N ALA C 295 19.88 22.71 30.18
CA ALA C 295 18.68 21.87 29.85
C ALA C 295 19.08 20.82 28.83
N PRO C 296 19.03 19.51 29.17
CA PRO C 296 19.59 18.50 28.28
C PRO C 296 18.66 18.35 27.06
N GLY C 297 19.14 18.71 25.87
CA GLY C 297 18.35 18.72 24.64
C GLY C 297 17.81 17.34 24.30
N GLU C 298 18.50 16.26 24.64
CA GLU C 298 18.05 14.88 24.29
C GLU C 298 16.78 14.54 25.07
N ILE C 299 16.62 15.07 26.30
CA ILE C 299 15.39 14.83 27.12
C ILE C 299 14.21 15.54 26.42
N ALA C 300 14.38 16.79 25.99
CA ALA C 300 13.35 17.55 25.24
C ALA C 300 12.97 16.79 23.96
N LYS C 301 13.95 16.34 23.18
CA LYS C 301 13.72 15.63 21.88
C LYS C 301 12.99 14.31 22.16
N TYR C 302 13.36 13.60 23.23
CA TYR C 302 12.69 12.36 23.69
C TYR C 302 11.21 12.67 23.94
N MET C 303 10.91 13.68 24.75
CA MET C 303 9.51 14.02 25.15
C MET C 303 8.74 14.46 23.89
N GLU C 304 9.36 15.21 22.97
CA GLU C 304 8.70 15.69 21.74
C GLU C 304 8.32 14.49 20.87
N THR C 305 9.18 13.47 20.81
CA THR C 305 8.97 12.27 19.97
C THR C 305 7.81 11.44 20.56
N VAL C 306 7.81 11.26 21.88
CA VAL C 306 6.73 10.51 22.60
C VAL C 306 5.40 11.24 22.44
N LYS C 307 5.42 12.57 22.48
CA LYS C 307 4.20 13.42 22.33
C LYS C 307 3.53 13.12 20.98
N LEU C 308 4.31 12.77 19.95
CA LEU C 308 3.77 12.56 18.58
C LEU C 308 3.12 11.17 18.47
N LEU C 309 3.26 10.29 19.45
CA LEU C 309 2.65 8.93 19.39
C LEU C 309 1.13 9.01 19.63
N ASP C 310 0.38 8.38 18.74
CA ASP C 310 -1.06 8.07 18.98
C ASP C 310 -1.16 6.90 19.99
N TYR C 311 -2.33 6.73 20.58
CA TYR C 311 -2.61 5.73 21.64
C TYR C 311 -2.20 4.32 21.19
N THR C 312 -2.51 3.94 19.95
CA THR C 312 -2.28 2.57 19.41
C THR C 312 -0.96 2.49 18.64
N GLU C 313 -0.22 3.59 18.53
CA GLU C 313 0.95 3.69 17.62
C GLU C 313 2.14 2.90 18.17
N LYS C 314 2.82 2.15 17.30
CA LYS C 314 4.10 1.48 17.62
C LYS C 314 5.22 2.51 17.68
N PRO C 315 5.89 2.68 18.83
CA PRO C 315 7.06 3.57 18.91
C PRO C 315 8.19 3.13 17.97
N LEU C 316 8.97 4.10 17.51
CA LEU C 316 10.26 3.84 16.80
C LEU C 316 11.37 3.81 17.85
N TYR C 317 11.59 2.67 18.48
CA TYR C 317 12.45 2.51 19.69
C TYR C 317 13.90 2.87 19.36
N GLU C 318 14.35 2.57 18.15
CA GLU C 318 15.75 2.82 17.70
C GLU C 318 15.95 4.33 17.57
N ASN C 319 14.96 5.06 17.05
CA ASN C 319 14.97 6.55 16.99
C ASN C 319 15.10 7.11 18.41
N LEU C 320 14.36 6.58 19.37
CA LEU C 320 14.42 7.06 20.78
C LEU C 320 15.82 6.78 21.37
N ARG C 321 16.39 5.60 21.10
CA ARG C 321 17.73 5.28 21.58
C ARG C 321 18.79 6.20 20.93
N ASP C 322 18.66 6.43 19.63
CA ASP C 322 19.55 7.35 18.87
C ASP C 322 19.52 8.75 19.51
N ILE C 323 18.33 9.22 19.90
CA ILE C 323 18.18 10.54 20.58
C ILE C 323 19.04 10.53 21.86
N LEU C 324 18.95 9.49 22.67
CA LEU C 324 19.69 9.40 23.96
C LEU C 324 21.18 9.23 23.69
N LEU C 325 21.57 8.49 22.64
CA LEU C 325 23.00 8.30 22.24
C LEU C 325 23.62 9.66 21.87
N GLN C 326 22.88 10.55 21.21
CA GLN C 326 23.37 11.93 20.89
C GLN C 326 23.67 12.68 22.20
N GLY C 327 22.88 12.45 23.25
CA GLY C 327 23.15 12.98 24.61
C GLY C 327 24.49 12.51 25.15
N LEU C 328 24.80 11.21 25.02
CA LEU C 328 26.10 10.64 25.46
C LEU C 328 27.26 11.25 24.65
N LYS C 329 27.08 11.39 23.33
CA LYS C 329 28.10 12.03 22.44
C LYS C 329 28.35 13.46 22.93
N ALA C 330 27.29 14.21 23.23
CA ALA C 330 27.35 15.64 23.64
C ALA C 330 28.21 15.82 24.90
N ILE C 331 28.25 14.83 25.80
CA ILE C 331 29.01 14.90 27.09
C ILE C 331 30.34 14.15 26.97
N GLY C 332 30.77 13.83 25.75
CA GLY C 332 32.08 13.21 25.46
C GLY C 332 32.14 11.76 25.89
N SER C 333 31.00 11.07 25.90
CA SER C 333 30.92 9.64 26.27
C SER C 333 30.39 8.82 25.09
N LYS C 334 30.07 7.57 25.36
CA LYS C 334 29.55 6.63 24.38
C LYS C 334 28.77 5.55 25.13
N ASP C 335 28.01 4.73 24.43
CA ASP C 335 27.27 3.70 25.13
C ASP C 335 28.21 2.52 25.33
N ASP C 336 28.83 2.50 26.50
CA ASP C 336 29.76 1.46 26.90
C ASP C 336 29.13 0.54 27.95
N GLY C 337 27.85 0.77 28.22
CA GLY C 337 27.08 -0.02 29.19
C GLY C 337 27.44 0.25 30.65
N LYS C 338 28.22 1.30 30.95
CA LYS C 338 28.63 1.67 32.33
C LYS C 338 27.56 2.57 32.95
N LEU C 339 26.87 2.09 34.00
CA LEU C 339 25.79 2.84 34.70
C LEU C 339 26.43 3.91 35.61
N ASP C 340 27.67 3.71 36.05
CA ASP C 340 28.43 4.68 36.90
C ASP C 340 27.70 4.89 38.23
N LEU C 341 27.16 3.83 38.85
CA LEU C 341 26.42 3.92 40.14
C LEU C 341 27.39 3.81 41.32
N GLN D 22 8.10 41.85 -18.88
CA GLN D 22 9.28 42.47 -18.21
C GLN D 22 10.54 41.69 -18.58
N PHE D 23 10.43 40.36 -18.68
CA PHE D 23 11.50 39.39 -19.05
C PHE D 23 11.18 38.75 -20.41
N ALA D 24 12.25 38.53 -21.19
CA ALA D 24 12.18 37.96 -22.55
C ALA D 24 12.03 36.44 -22.41
N VAL D 25 11.14 35.84 -23.20
CA VAL D 25 11.03 34.35 -23.35
C VAL D 25 12.40 33.82 -23.79
N GLY D 26 12.93 32.83 -23.06
CA GLY D 26 14.25 32.22 -23.31
C GLY D 26 15.37 32.91 -22.55
N GLU D 27 15.11 34.03 -21.86
CA GLU D 27 16.11 34.80 -21.09
C GLU D 27 16.68 33.93 -19.95
N ILE D 28 18.00 33.99 -19.73
CA ILE D 28 18.71 33.16 -18.71
C ILE D 28 18.99 34.05 -17.51
N ILE D 29 18.58 33.61 -16.32
CA ILE D 29 18.78 34.34 -15.03
C ILE D 29 19.56 33.41 -14.08
N THR D 30 20.40 33.97 -13.21
CA THR D 30 21.31 33.20 -12.32
C THR D 30 20.96 33.51 -10.86
N ASP D 31 20.83 32.49 -10.02
CA ASP D 31 20.38 32.64 -8.62
C ASP D 31 21.60 32.80 -7.70
N MET D 32 21.34 32.92 -6.40
CA MET D 32 22.35 33.15 -5.34
C MET D 32 23.30 31.97 -5.23
N ALA D 33 22.89 30.77 -5.59
CA ALA D 33 23.72 29.55 -5.58
C ALA D 33 24.42 29.37 -6.93
N ALA D 34 24.33 30.37 -7.82
CA ALA D 34 24.96 30.40 -9.17
C ALA D 34 24.32 29.37 -10.13
N ALA D 35 23.14 28.84 -9.83
CA ALA D 35 22.35 27.98 -10.74
C ALA D 35 21.71 28.86 -11.83
N ALA D 36 21.78 28.43 -13.08
CA ALA D 36 21.16 29.09 -14.26
C ALA D 36 19.73 28.55 -14.48
N TRP D 37 18.80 29.46 -14.78
CA TRP D 37 17.37 29.19 -15.10
C TRP D 37 17.00 29.90 -16.40
N LYS D 38 16.07 29.31 -17.17
CA LYS D 38 15.54 29.89 -18.43
C LYS D 38 14.07 30.25 -18.19
N VAL D 39 13.64 31.40 -18.71
CA VAL D 39 12.25 31.94 -18.57
C VAL D 39 11.42 31.53 -19.78
N GLY D 40 10.20 31.05 -19.54
CA GLY D 40 9.19 30.76 -20.57
C GLY D 40 8.06 31.77 -20.54
N LEU D 41 6.85 31.37 -20.95
CA LEU D 41 5.71 32.30 -21.14
C LEU D 41 5.18 32.78 -19.79
N PRO D 42 4.68 34.04 -19.71
CA PRO D 42 3.98 34.51 -18.51
C PRO D 42 2.68 33.71 -18.33
N ILE D 43 2.24 33.54 -17.08
CA ILE D 43 0.94 32.88 -16.74
C ILE D 43 0.06 33.90 -16.01
N GLY D 44 0.65 34.77 -15.18
CA GLY D 44 -0.04 35.90 -14.52
C GLY D 44 0.91 37.04 -14.17
N CYS D 50 4.83 39.90 -11.68
CA CYS D 50 4.43 38.92 -12.74
C CYS D 50 5.12 37.57 -12.50
N ILE D 51 4.55 36.52 -13.10
CA ILE D 51 4.95 35.10 -12.90
C ILE D 51 5.08 34.44 -14.29
N TYR D 52 6.21 33.78 -14.53
CA TYR D 52 6.52 33.07 -15.80
C TYR D 52 6.79 31.60 -15.52
N LEU D 53 6.52 30.72 -16.49
CA LEU D 53 7.06 29.35 -16.49
C LEU D 53 8.59 29.44 -16.50
N ALA D 54 9.27 28.46 -15.89
CA ALA D 54 10.75 28.43 -15.76
C ALA D 54 11.23 26.98 -15.72
N ASP D 55 12.47 26.77 -16.15
CA ASP D 55 13.16 25.46 -16.04
C ASP D 55 14.66 25.73 -15.88
N MET D 56 15.41 24.69 -15.53
CA MET D 56 16.90 24.75 -15.51
C MET D 56 17.36 25.18 -16.89
N ASN D 57 18.43 25.98 -16.96
CA ASN D 57 19.02 26.43 -18.25
C ASN D 57 19.41 25.21 -19.08
N SER D 58 19.06 25.21 -20.36
CA SER D 58 19.33 24.11 -21.33
C SER D 58 19.24 24.69 -22.75
N SER D 59 19.62 23.91 -23.76
CA SER D 59 19.49 24.27 -25.20
C SER D 59 18.00 24.26 -25.60
N GLU D 60 17.15 23.56 -24.85
CA GLU D 60 15.68 23.42 -25.11
C GLU D 60 14.94 24.62 -24.55
N SER D 61 13.89 25.09 -25.24
CA SER D 61 12.99 26.18 -24.77
C SER D 61 12.17 25.68 -23.58
N VAL D 62 11.67 26.60 -22.76
CA VAL D 62 10.80 26.26 -21.59
C VAL D 62 9.41 25.97 -22.16
N GLY D 63 8.90 24.75 -21.94
CA GLY D 63 7.62 24.26 -22.48
C GLY D 63 6.45 24.61 -21.58
N SER D 64 5.23 24.33 -22.06
CA SER D 64 3.96 24.54 -21.33
C SER D 64 3.86 23.60 -20.11
N ASP D 65 4.70 22.57 -20.04
CA ASP D 65 4.71 21.56 -18.94
C ASP D 65 5.88 21.83 -17.98
N ALA D 66 6.43 23.05 -17.97
CA ALA D 66 7.60 23.43 -17.14
C ALA D 66 7.33 23.09 -15.68
N PRO D 67 8.33 22.58 -14.92
CA PRO D 67 8.12 22.18 -13.53
C PRO D 67 8.27 23.33 -12.52
N CYS D 68 8.68 24.52 -12.96
CA CYS D 68 8.90 25.69 -12.09
C CYS D 68 8.20 26.92 -12.65
N VAL D 69 8.05 27.92 -11.78
CA VAL D 69 7.69 29.32 -12.16
C VAL D 69 8.78 30.24 -11.59
N VAL D 70 8.92 31.41 -12.18
CA VAL D 70 9.72 32.52 -11.61
C VAL D 70 8.75 33.68 -11.33
N LYS D 71 8.70 34.11 -10.06
CA LYS D 71 8.00 35.32 -9.60
C LYS D 71 9.01 36.47 -9.60
N VAL D 72 8.64 37.61 -10.19
CA VAL D 72 9.55 38.78 -10.39
C VAL D 72 8.84 40.03 -9.88
N GLU D 73 9.53 40.82 -9.06
CA GLU D 73 9.10 42.16 -8.58
C GLU D 73 10.32 43.09 -8.66
N PRO D 74 10.13 44.43 -8.63
CA PRO D 74 11.27 45.34 -8.48
C PRO D 74 12.03 44.95 -7.19
N SER D 75 13.33 45.21 -7.16
CA SER D 75 14.21 45.00 -5.98
C SER D 75 13.65 45.75 -4.75
N ASP D 76 12.89 46.83 -4.93
CA ASP D 76 12.28 47.63 -3.83
C ASP D 76 10.96 46.99 -3.35
N ASN D 77 10.51 45.90 -3.98
CA ASN D 77 9.23 45.20 -3.69
C ASN D 77 9.35 44.49 -2.33
N GLY D 78 8.57 44.95 -1.35
CA GLY D 78 8.51 44.41 0.01
C GLY D 78 8.06 42.95 0.03
N PRO D 79 6.88 42.61 -0.53
CA PRO D 79 6.32 41.26 -0.45
C PRO D 79 7.24 40.12 -0.91
N LEU D 80 7.93 40.28 -2.04
CA LEU D 80 8.80 39.19 -2.54
C LEU D 80 9.97 38.99 -1.55
N PHE D 81 10.48 40.07 -0.95
CA PHE D 81 11.56 39.96 0.06
C PHE D 81 11.06 39.23 1.31
N THR D 82 9.86 39.58 1.78
CA THR D 82 9.17 38.90 2.91
C THR D 82 9.05 37.40 2.59
N GLU D 83 8.73 37.06 1.36
CA GLU D 83 8.64 35.69 0.95
C GLU D 83 9.95 34.95 0.99
N LEU D 84 10.98 35.59 0.45
CA LEU D 84 12.29 34.99 0.39
C LEU D 84 12.79 34.70 1.78
N LYS D 85 12.61 35.64 2.71
CA LYS D 85 13.04 35.44 4.08
C LYS D 85 12.25 34.29 4.70
N PHE D 86 10.96 34.21 4.41
CA PHE D 86 10.13 33.15 4.96
C PHE D 86 10.63 31.79 4.48
N TYR D 87 10.82 31.66 3.18
CA TYR D 87 11.28 30.40 2.62
C TYR D 87 12.65 29.97 3.13
N GLN D 88 13.59 30.91 3.22
CA GLN D 88 14.92 30.57 3.71
C GLN D 88 14.91 30.17 5.17
N ARG D 89 14.21 30.94 6.00
CA ARG D 89 14.08 30.64 7.42
C ARG D 89 13.23 29.45 7.82
N ALA D 90 12.04 29.34 7.24
CA ALA D 90 11.09 28.32 7.67
C ALA D 90 10.66 27.23 6.71
N ALA D 91 10.88 27.38 5.41
CA ALA D 91 10.42 26.34 4.49
C ALA D 91 11.48 25.68 3.64
N LYS D 92 12.67 25.49 4.21
CA LYS D 92 13.74 24.79 3.50
C LYS D 92 13.30 23.34 3.31
N PRO D 93 13.58 22.73 2.14
CA PRO D 93 13.20 21.34 1.84
C PRO D 93 13.40 20.32 2.96
N GLU D 94 14.52 20.41 3.68
CA GLU D 94 14.83 19.46 4.78
C GLU D 94 13.86 19.67 5.96
N GLN D 95 13.30 20.87 6.14
CA GLN D 95 12.44 21.18 7.26
C GLN D 95 11.10 20.59 6.95
N ILE D 96 10.70 20.77 5.70
CA ILE D 96 9.44 20.24 5.24
C ILE D 96 9.46 18.71 5.27
N GLN D 97 10.54 18.11 4.79
CA GLN D 97 10.66 16.66 4.78
C GLN D 97 10.68 16.10 6.20
N LYS D 98 11.37 16.77 7.11
CA LYS D 98 11.41 16.30 8.50
C LYS D 98 10.01 16.30 9.11
N TRP D 99 9.25 17.35 8.83
CA TRP D 99 7.89 17.44 9.36
C TRP D 99 6.96 16.38 8.78
N ILE D 100 7.05 16.15 7.47
CA ILE D 100 6.24 15.14 6.80
C ILE D 100 6.55 13.78 7.43
N ARG D 101 7.83 13.48 7.67
CA ARG D 101 8.21 12.21 8.30
C ARG D 101 7.75 12.07 9.77
N THR D 102 8.05 13.07 10.59
CA THR D 102 7.66 13.04 12.01
C THR D 102 6.16 13.12 12.25
N ARG D 103 5.44 13.84 11.38
CA ARG D 103 3.99 13.98 11.54
C ARG D 103 3.23 12.92 10.76
N LYS D 104 3.97 12.04 10.10
CA LYS D 104 3.40 10.95 9.32
C LYS D 104 2.33 11.43 8.34
N LEU D 105 2.68 12.46 7.58
CA LEU D 105 1.78 13.04 6.59
C LEU D 105 2.02 12.40 5.21
N LYS D 106 0.99 12.39 4.38
CA LYS D 106 1.10 11.96 2.96
C LYS D 106 1.85 13.03 2.18
N TYR D 107 1.64 14.30 2.51
CA TYR D 107 2.30 15.46 1.86
C TYR D 107 2.12 16.67 2.78
N LEU D 108 2.78 17.77 2.44
CA LEU D 108 2.63 19.07 3.11
C LEU D 108 2.45 20.12 2.00
N GLY D 109 1.41 20.94 2.08
CA GLY D 109 1.08 21.94 1.03
C GLY D 109 1.85 23.24 1.21
N VAL D 110 3.16 23.16 1.39
CA VAL D 110 4.03 24.33 1.44
C VAL D 110 4.86 24.20 0.16
N PRO D 111 4.84 25.21 -0.75
CA PRO D 111 5.63 24.94 -1.96
C PRO D 111 7.14 24.84 -1.79
N LYS D 112 7.79 24.14 -2.71
CA LYS D 112 9.28 24.07 -2.71
C LYS D 112 9.85 25.37 -3.29
N TYR D 113 10.87 25.93 -2.62
CA TYR D 113 11.59 27.11 -3.03
C TYR D 113 12.88 26.54 -3.66
N TRP D 114 13.19 26.97 -4.87
CA TRP D 114 14.32 26.45 -5.69
C TRP D 114 15.48 27.44 -5.74
N GLY D 115 15.28 28.72 -5.44
CA GLY D 115 16.35 29.72 -5.55
C GLY D 115 15.81 31.10 -5.78
N SER D 116 16.69 32.10 -5.68
CA SER D 116 16.33 33.53 -5.79
C SER D 116 17.56 34.31 -6.22
N GLY D 117 17.36 35.47 -6.82
CA GLY D 117 18.46 36.27 -7.37
C GLY D 117 18.01 37.66 -7.79
N LEU D 118 18.87 38.38 -8.49
CA LEU D 118 18.61 39.72 -9.06
C LEU D 118 18.74 39.62 -10.57
N HIS D 119 17.92 40.36 -11.32
CA HIS D 119 18.06 40.52 -12.78
C HIS D 119 17.77 41.98 -13.15
N ASP D 120 18.67 42.60 -13.92
CA ASP D 120 18.46 43.91 -14.57
C ASP D 120 17.73 43.72 -15.90
N LYS D 121 16.75 44.57 -16.19
CA LYS D 121 16.06 44.65 -17.50
C LYS D 121 15.65 46.10 -17.74
N ASN D 122 15.98 46.64 -18.92
CA ASN D 122 15.69 48.03 -19.33
C ASN D 122 16.26 49.00 -18.28
N GLY D 123 17.46 48.69 -17.74
CA GLY D 123 18.19 49.52 -16.78
C GLY D 123 17.53 49.61 -15.41
N LYS D 124 16.59 48.71 -15.07
CA LYS D 124 15.91 48.65 -13.75
C LYS D 124 16.26 47.32 -13.07
N SER D 125 16.21 47.27 -11.73
CA SER D 125 16.67 46.13 -10.90
C SER D 125 15.47 45.31 -10.42
N TYR D 126 15.45 44.00 -10.72
CA TYR D 126 14.36 43.09 -10.34
C TYR D 126 14.92 41.96 -9.47
N ARG D 127 14.12 41.56 -8.49
CA ARG D 127 14.36 40.39 -7.62
C ARG D 127 13.47 39.26 -8.13
N PHE D 128 13.99 38.03 -8.20
CA PHE D 128 13.18 36.86 -8.64
C PHE D 128 13.28 35.75 -7.59
N MET D 129 12.29 34.85 -7.65
CA MET D 129 12.21 33.68 -6.81
C MET D 129 11.71 32.53 -7.72
N ILE D 130 12.38 31.40 -7.67
CA ILE D 130 12.03 30.17 -8.44
C ILE D 130 11.26 29.24 -7.50
N MET D 131 10.04 28.86 -7.86
CA MET D 131 9.20 28.00 -7.04
C MET D 131 8.59 26.89 -7.89
N ASP D 132 7.92 25.95 -7.23
CA ASP D 132 7.13 24.86 -7.86
C ASP D 132 6.13 25.46 -8.83
N ARG D 133 5.94 24.79 -9.97
CA ARG D 133 4.76 25.01 -10.83
C ARG D 133 3.62 24.11 -10.34
N PHE D 134 2.41 24.67 -10.29
CA PHE D 134 1.21 23.99 -9.82
C PHE D 134 0.11 24.07 -10.86
N GLY D 135 -0.94 23.28 -10.69
CA GLY D 135 -2.11 23.33 -11.59
C GLY D 135 -2.99 24.51 -11.26
N SER D 136 -4.30 24.29 -11.30
CA SER D 136 -5.33 25.35 -11.13
C SER D 136 -5.34 25.86 -9.68
N ASP D 137 -5.69 27.13 -9.49
CA ASP D 137 -6.09 27.67 -8.18
C ASP D 137 -7.53 27.19 -7.89
N LEU D 138 -7.90 27.16 -6.62
CA LEU D 138 -9.23 26.68 -6.16
C LEU D 138 -10.32 27.68 -6.54
N GLN D 139 -9.99 28.97 -6.69
CA GLN D 139 -10.99 30.01 -7.00
C GLN D 139 -11.61 29.72 -8.38
N LYS D 140 -10.80 29.34 -9.36
CA LYS D 140 -11.27 28.97 -10.73
C LYS D 140 -12.22 27.78 -10.64
N ILE D 141 -11.86 26.76 -9.84
CA ILE D 141 -12.65 25.51 -9.67
C ILE D 141 -13.96 25.85 -8.93
N TYR D 142 -13.86 26.67 -7.88
CA TYR D 142 -15.01 27.18 -7.09
C TYR D 142 -16.04 27.84 -8.03
N GLU D 143 -15.58 28.76 -8.88
CA GLU D 143 -16.43 29.53 -9.82
C GLU D 143 -17.04 28.59 -10.86
N ALA D 144 -16.27 27.60 -11.34
CA ALA D 144 -16.73 26.60 -12.32
C ALA D 144 -17.85 25.75 -11.69
N ASN D 145 -17.90 25.65 -10.35
CA ASN D 145 -18.88 24.84 -9.60
C ASN D 145 -20.01 25.72 -9.04
N ALA D 146 -20.30 26.85 -9.67
CA ALA D 146 -21.35 27.82 -9.26
C ALA D 146 -21.13 28.27 -7.81
N LYS D 147 -19.87 28.50 -7.43
CA LYS D 147 -19.45 29.09 -6.13
C LYS D 147 -19.99 28.26 -4.96
N ARG D 148 -19.87 26.93 -5.05
CA ARG D 148 -20.08 25.99 -3.92
C ARG D 148 -18.98 24.93 -3.94
N PHE D 149 -18.47 24.58 -2.76
CA PHE D 149 -17.79 23.28 -2.51
C PHE D 149 -18.69 22.45 -1.61
N SER D 150 -18.75 21.14 -1.86
CA SER D 150 -19.46 20.16 -0.99
C SER D 150 -18.88 20.22 0.43
N ARG D 151 -19.63 19.74 1.41
CA ARG D 151 -19.16 19.59 2.81
C ARG D 151 -17.89 18.71 2.83
N LYS D 152 -17.91 17.61 2.08
CA LYS D 152 -16.75 16.68 1.96
C LYS D 152 -15.51 17.47 1.52
N THR D 153 -15.61 18.23 0.44
CA THR D 153 -14.50 19.01 -0.14
C THR D 153 -13.97 20.02 0.89
N VAL D 154 -14.87 20.76 1.54
CA VAL D 154 -14.49 21.84 2.49
C VAL D 154 -13.76 21.22 3.69
N LEU D 155 -14.25 20.12 4.23
CA LEU D 155 -13.62 19.46 5.41
C LEU D 155 -12.24 18.93 5.00
N GLN D 156 -12.12 18.34 3.81
CA GLN D 156 -10.84 17.75 3.32
C GLN D 156 -9.84 18.87 3.02
N LEU D 157 -10.27 19.97 2.39
CA LEU D 157 -9.41 21.17 2.18
C LEU D 157 -8.92 21.68 3.54
N SER D 158 -9.84 21.85 4.49
CA SER D 158 -9.55 22.49 5.80
C SER D 158 -8.57 21.63 6.61
N LEU D 159 -8.68 20.29 6.56
CA LEU D 159 -7.72 19.40 7.27
C LEU D 159 -6.30 19.64 6.76
N ARG D 160 -6.14 19.77 5.44
CA ARG D 160 -4.81 19.96 4.80
C ARG D 160 -4.30 21.37 5.09
N ILE D 161 -5.20 22.35 5.14
CA ILE D 161 -4.81 23.75 5.47
C ILE D 161 -4.40 23.81 6.94
N LEU D 162 -5.08 23.09 7.84
CA LEU D 162 -4.65 22.98 9.25
C LEU D 162 -3.23 22.39 9.35
N ASP D 163 -2.88 21.43 8.50
CA ASP D 163 -1.49 20.86 8.47
C ASP D 163 -0.49 21.96 8.12
N ILE D 164 -0.80 22.75 7.09
CA ILE D 164 0.08 23.85 6.60
C ILE D 164 0.22 24.90 7.70
N LEU D 165 -0.91 25.30 8.30
CA LEU D 165 -0.91 26.37 9.32
C LEU D 165 -0.12 25.92 10.54
N GLU D 166 -0.33 24.69 11.00
CA GLU D 166 0.41 24.21 12.16
C GLU D 166 1.90 24.25 11.85
N TYR D 167 2.27 23.85 10.63
CA TYR D 167 3.68 23.87 10.24
C TYR D 167 4.28 25.26 10.30
N ILE D 168 3.69 26.21 9.58
CA ILE D 168 4.22 27.56 9.59
C ILE D 168 4.21 28.21 10.98
N HIS D 169 3.15 27.98 11.75
CA HIS D 169 3.05 28.54 13.09
C HIS D 169 4.19 28.02 13.97
N GLU D 170 4.51 26.73 13.85
CA GLU D 170 5.58 26.08 14.63
C GLU D 170 6.95 26.54 14.26
N HIS D 171 7.07 27.04 13.01
CA HIS D 171 8.28 27.69 12.50
C HIS D 171 8.24 29.25 12.51
N GLU D 172 7.50 29.82 13.47
CA GLU D 172 7.40 31.26 13.79
C GLU D 172 6.73 32.19 12.78
N TYR D 173 5.88 31.67 11.91
CA TYR D 173 5.25 32.52 10.90
C TYR D 173 3.76 32.28 10.63
N VAL D 174 2.94 33.33 10.51
CA VAL D 174 1.51 33.25 10.10
C VAL D 174 1.42 33.75 8.66
N HIS D 175 0.41 33.29 7.91
CA HIS D 175 0.21 33.59 6.48
C HIS D 175 -0.61 34.88 6.32
N GLY D 176 -1.75 34.98 7.00
CA GLY D 176 -2.59 36.20 7.04
C GLY D 176 -3.44 36.42 5.79
N ASP D 177 -3.46 35.50 4.81
CA ASP D 177 -4.22 35.73 3.56
C ASP D 177 -4.64 34.40 2.91
N ILE D 178 -5.15 33.48 3.71
CA ILE D 178 -5.72 32.20 3.20
C ILE D 178 -6.98 32.55 2.41
N LYS D 179 -7.07 32.04 1.18
CA LYS D 179 -8.26 32.17 0.29
C LYS D 179 -8.07 31.24 -0.90
N ALA D 180 -9.15 30.95 -1.63
CA ALA D 180 -9.17 29.97 -2.73
C ALA D 180 -8.15 30.36 -3.81
N SER D 181 -7.97 31.66 -4.09
CA SER D 181 -7.02 32.12 -5.14
C SER D 181 -5.56 31.89 -4.72
N ASN D 182 -5.29 31.64 -3.43
CA ASN D 182 -3.93 31.34 -2.91
C ASN D 182 -3.79 29.85 -2.60
N LEU D 183 -4.74 29.03 -3.04
CA LEU D 183 -4.69 27.56 -2.87
C LEU D 183 -4.60 26.94 -4.26
N LEU D 184 -3.49 26.25 -4.55
CA LEU D 184 -3.22 25.67 -5.89
C LEU D 184 -3.12 24.15 -5.75
N LEU D 185 -3.61 23.40 -6.73
CA LEU D 185 -3.53 21.96 -6.66
C LEU D 185 -2.18 21.55 -7.20
N ASN D 186 -1.69 20.40 -6.77
CA ASN D 186 -0.41 19.92 -7.25
C ASN D 186 -0.59 19.64 -8.75
N TYR D 187 0.42 19.96 -9.55
CA TYR D 187 0.31 19.75 -11.00
C TYR D 187 0.08 18.28 -11.33
N LYS D 188 0.79 17.39 -10.65
CA LYS D 188 0.65 15.95 -10.87
C LYS D 188 -0.38 15.28 -9.94
N ASN D 189 -0.81 16.01 -8.92
CA ASN D 189 -1.78 15.51 -7.96
C ASN D 189 -3.00 16.48 -7.65
N PRO D 190 -4.27 16.09 -8.12
CA PRO D 190 -5.45 16.93 -7.88
C PRO D 190 -6.03 16.85 -6.46
N ASP D 191 -5.55 15.90 -5.66
CA ASP D 191 -6.01 15.70 -4.26
C ASP D 191 -5.04 16.37 -3.28
N GLN D 192 -3.99 17.03 -3.79
CA GLN D 192 -3.01 17.72 -2.96
C GLN D 192 -3.13 19.24 -3.22
N VAL D 193 -3.42 20.01 -2.17
CA VAL D 193 -3.61 21.48 -2.24
C VAL D 193 -2.44 22.14 -1.51
N TYR D 194 -1.95 23.25 -2.08
CA TYR D 194 -0.83 23.96 -1.54
C TYR D 194 -1.23 25.43 -1.32
N LEU D 195 -0.77 26.01 -0.22
CA LEU D 195 -0.97 27.43 0.13
C LEU D 195 0.24 28.22 -0.39
N VAL D 196 -0.02 29.20 -1.26
CA VAL D 196 1.05 30.03 -1.88
C VAL D 196 0.91 31.48 -1.38
N ASP D 197 1.89 32.28 -1.77
CA ASP D 197 1.94 33.76 -1.60
C ASP D 197 2.13 34.11 -0.12
N TYR D 198 3.36 34.06 0.34
CA TYR D 198 3.64 34.41 1.70
C TYR D 198 4.15 35.84 1.74
N GLY D 199 3.66 36.76 0.86
CA GLY D 199 3.99 38.19 0.71
C GLY D 199 3.53 39.00 1.91
N LEU D 200 2.48 38.56 2.58
CA LEU D 200 1.93 39.20 3.81
C LEU D 200 2.24 38.35 5.04
N ALA D 201 3.07 37.32 4.91
CA ALA D 201 3.47 36.46 6.05
C ALA D 201 4.19 37.34 7.08
N TYR D 202 4.05 36.97 8.34
CA TYR D 202 4.56 37.76 9.48
C TYR D 202 5.21 36.79 10.45
N ARG D 203 6.43 37.12 10.85
CA ARG D 203 7.18 36.37 11.87
C ARG D 203 6.68 36.81 13.25
N TYR D 204 5.62 36.16 13.72
CA TYR D 204 4.84 36.55 14.92
C TYR D 204 5.62 36.17 16.18
N CYS D 205 6.60 35.25 16.07
CA CYS D 205 7.24 34.60 17.24
C CYS D 205 8.75 34.44 17.03
N PRO D 206 9.52 35.51 16.73
CA PRO D 206 10.96 35.38 16.51
C PRO D 206 11.64 34.82 17.76
N GLU D 207 12.34 33.69 17.62
CA GLU D 207 13.10 33.01 18.70
C GLU D 207 12.16 32.63 19.85
N GLY D 208 10.90 32.31 19.54
CA GLY D 208 9.91 31.88 20.55
C GLY D 208 9.36 33.02 21.40
N VAL D 209 9.61 34.29 21.07
CA VAL D 209 9.04 35.47 21.79
C VAL D 209 7.87 36.03 20.96
N HIS D 210 6.65 35.90 21.46
CA HIS D 210 5.43 36.35 20.74
C HIS D 210 5.41 37.87 20.67
N LYS D 211 5.17 38.44 19.48
CA LYS D 211 4.87 39.89 19.27
C LYS D 211 3.76 40.33 20.24
N ALA D 212 3.93 41.47 20.93
CA ALA D 212 2.94 41.99 21.90
C ALA D 212 1.74 42.54 21.12
N TYR D 213 0.53 42.47 21.70
CA TYR D 213 -0.69 43.05 21.13
C TYR D 213 -0.51 44.57 21.07
N ALA D 214 -0.61 45.17 19.89
CA ALA D 214 -0.69 46.65 19.72
C ALA D 214 -1.39 46.98 18.40
N ALA D 215 -2.27 47.98 18.39
CA ALA D 215 -3.01 48.43 17.20
C ALA D 215 -2.17 49.52 16.54
N ASP D 216 -1.82 49.34 15.25
CA ASP D 216 -1.02 50.27 14.44
C ASP D 216 -1.92 50.77 13.31
N PRO D 217 -2.18 52.10 13.20
CA PRO D 217 -3.05 52.62 12.15
C PRO D 217 -2.54 52.27 10.74
N LYS D 218 -1.22 52.16 10.55
CA LYS D 218 -0.57 51.74 9.28
C LYS D 218 -1.03 50.32 8.87
N ARG D 219 -1.40 49.44 9.81
CA ARG D 219 -1.72 48.01 9.54
C ARG D 219 -3.23 47.77 9.33
N CYS D 220 -4.09 48.74 9.61
CA CYS D 220 -5.55 48.52 9.60
C CYS D 220 -6.00 47.93 8.26
N HIS D 221 -6.70 46.79 8.32
CA HIS D 221 -7.39 46.13 7.18
C HIS D 221 -6.37 45.49 6.23
N ASP D 222 -5.21 45.07 6.75
CA ASP D 222 -4.27 44.20 6.00
C ASP D 222 -5.01 42.91 5.62
N GLY D 223 -4.59 42.27 4.53
CA GLY D 223 -5.16 41.01 4.01
C GLY D 223 -6.25 41.27 3.00
N THR D 224 -7.09 40.26 2.72
CA THR D 224 -8.24 40.38 1.80
C THR D 224 -9.49 40.70 2.62
N ILE D 225 -10.14 41.83 2.34
CA ILE D 225 -11.12 42.45 3.26
C ILE D 225 -12.22 41.44 3.64
N GLU D 226 -12.75 40.66 2.71
CA GLU D 226 -13.88 39.74 3.02
C GLU D 226 -13.44 38.64 4.00
N PHE D 227 -12.16 38.24 4.00
CA PHE D 227 -11.69 37.04 4.76
C PHE D 227 -10.78 37.42 5.94
N THR D 228 -10.28 38.65 6.03
CA THR D 228 -9.19 38.98 6.98
C THR D 228 -9.73 38.92 8.42
N SER D 229 -8.82 38.84 9.39
CA SER D 229 -9.13 38.67 10.82
C SER D 229 -9.56 40.01 11.42
N ILE D 230 -10.36 39.95 12.50
CA ILE D 230 -10.69 41.14 13.33
C ILE D 230 -9.39 41.81 13.78
N ASP D 231 -8.38 41.02 14.19
CA ASP D 231 -7.07 41.57 14.59
C ASP D 231 -6.53 42.47 13.46
N ALA D 232 -6.52 41.98 12.22
CA ALA D 232 -5.98 42.72 11.06
C ALA D 232 -6.82 43.97 10.81
N HIS D 233 -8.16 43.87 10.92
CA HIS D 233 -9.06 45.04 10.80
C HIS D 233 -8.69 46.11 11.83
N ASN D 234 -8.26 45.70 13.02
CA ASN D 234 -7.95 46.58 14.17
C ASN D 234 -6.52 47.14 14.05
N GLY D 235 -5.76 46.77 13.03
CA GLY D 235 -4.36 47.22 12.85
C GLY D 235 -3.38 46.50 13.76
N VAL D 236 -3.75 45.29 14.18
CA VAL D 236 -2.89 44.45 15.06
C VAL D 236 -2.13 43.48 14.15
N ALA D 237 -0.84 43.26 14.40
CA ALA D 237 -0.02 42.29 13.64
C ALA D 237 -0.73 40.92 13.71
N PRO D 238 -0.78 40.17 12.59
CA PRO D 238 -1.49 38.90 12.59
C PRO D 238 -0.82 37.88 13.51
N SER D 239 -1.63 37.03 14.15
CA SER D 239 -1.17 35.93 15.01
C SER D 239 -1.91 34.66 14.60
N ARG D 240 -1.74 33.58 15.36
CA ARG D 240 -2.22 32.24 14.96
C ARG D 240 -3.75 32.24 14.90
N ARG D 241 -4.42 32.90 15.85
CA ARG D 241 -5.90 32.90 15.89
C ARG D 241 -6.45 33.55 14.62
N GLY D 242 -5.78 34.59 14.12
CA GLY D 242 -6.17 35.27 12.87
C GLY D 242 -6.20 34.31 11.69
N ASP D 243 -5.17 33.49 11.54
CA ASP D 243 -5.07 32.49 10.43
C ASP D 243 -6.27 31.53 10.52
N LEU D 244 -6.59 31.08 11.73
CA LEU D 244 -7.69 30.09 11.95
C LEU D 244 -9.04 30.77 11.68
N GLU D 245 -9.18 32.05 12.04
CA GLU D 245 -10.39 32.86 11.80
C GLU D 245 -10.59 33.02 10.29
N ILE D 246 -9.51 33.31 9.56
CA ILE D 246 -9.56 33.51 8.07
C ILE D 246 -10.08 32.20 7.44
N LEU D 247 -9.54 31.06 7.86
CA LEU D 247 -9.98 29.74 7.33
C LEU D 247 -11.47 29.54 7.61
N GLY D 248 -11.94 29.93 8.80
CA GLY D 248 -13.37 29.88 9.18
C GLY D 248 -14.26 30.61 8.19
N TYR D 249 -13.91 31.86 7.85
CA TYR D 249 -14.65 32.67 6.87
C TYR D 249 -14.60 32.01 5.49
N CYS D 250 -13.44 31.46 5.09
CA CYS D 250 -13.30 30.72 3.81
C CYS D 250 -14.29 29.54 3.79
N MET D 251 -14.35 28.76 4.87
CA MET D 251 -15.21 27.55 4.93
C MET D 251 -16.68 27.93 4.72
N ILE D 252 -17.15 29.01 5.36
CA ILE D 252 -18.56 29.49 5.22
C ILE D 252 -18.79 29.95 3.77
N GLN D 253 -17.85 30.73 3.24
CA GLN D 253 -17.95 31.19 1.88
C GLN D 253 -18.05 29.99 0.94
N TRP D 254 -17.17 29.00 1.10
CA TRP D 254 -17.11 27.80 0.21
C TRP D 254 -18.42 27.01 0.28
N LEU D 255 -18.99 26.84 1.48
CA LEU D 255 -20.21 26.00 1.69
C LEU D 255 -21.44 26.71 1.15
N THR D 256 -21.57 28.03 1.34
CA THR D 256 -22.85 28.78 1.14
C THR D 256 -22.79 29.67 -0.10
N GLY D 257 -21.60 30.00 -0.59
CA GLY D 257 -21.40 30.96 -1.69
C GLY D 257 -21.41 32.41 -1.22
N HIS D 258 -21.72 32.66 0.05
CA HIS D 258 -21.84 34.04 0.55
C HIS D 258 -21.23 34.26 1.94
N LEU D 259 -21.11 35.54 2.29
CA LEU D 259 -20.65 36.01 3.58
C LEU D 259 -21.57 37.19 3.94
N PRO D 260 -21.96 37.31 5.26
CA PRO D 260 -22.90 38.39 5.63
C PRO D 260 -22.52 39.81 5.23
N TRP D 261 -21.23 40.09 5.17
CA TRP D 261 -20.71 41.44 4.88
C TRP D 261 -20.25 41.71 3.45
N GLU D 262 -20.53 40.77 2.56
CA GLU D 262 -20.11 40.85 1.15
C GLU D 262 -20.73 41.99 0.32
N ASP D 263 -21.91 42.46 0.71
CA ASP D 263 -22.58 43.55 0.00
C ASP D 263 -21.92 44.92 0.17
N ASN D 264 -21.19 45.13 1.27
CA ASN D 264 -20.53 46.41 1.46
C ASN D 264 -19.05 46.21 1.82
N LEU D 265 -18.31 45.63 0.88
CA LEU D 265 -16.87 45.37 0.99
C LEU D 265 -16.05 46.66 0.93
N LYS D 266 -16.62 47.68 0.28
CA LYS D 266 -16.03 49.01 0.14
C LYS D 266 -15.96 49.80 1.46
N ASP D 267 -16.75 49.42 2.46
CA ASP D 267 -16.73 50.04 3.78
C ASP D 267 -16.00 49.12 4.77
N PRO D 268 -14.66 49.31 4.92
CA PRO D 268 -13.93 48.40 5.83
C PRO D 268 -14.40 48.42 7.28
N LYS D 269 -14.83 49.57 7.78
CA LYS D 269 -15.32 49.66 9.16
C LYS D 269 -16.54 48.77 9.35
N TYR D 270 -17.41 48.74 8.35
CA TYR D 270 -18.60 47.92 8.42
C TYR D 270 -18.23 46.44 8.45
N VAL D 271 -17.26 46.06 7.63
CA VAL D 271 -16.82 44.68 7.59
C VAL D 271 -16.29 44.26 8.95
N ARG D 272 -15.50 45.14 9.59
CA ARG D 272 -14.95 44.86 10.89
C ARG D 272 -16.03 44.72 11.94
N ASP D 273 -16.98 45.65 11.92
CA ASP D 273 -18.07 45.67 12.89
C ASP D 273 -18.94 44.43 12.74
N SER D 274 -19.18 44.03 11.50
CA SER D 274 -19.97 42.86 11.21
C SER D 274 -19.30 41.61 11.82
N LYS D 275 -18.01 41.43 11.52
CA LYS D 275 -17.22 40.28 12.04
C LYS D 275 -17.21 40.30 13.58
N ILE D 276 -17.05 41.48 14.19
CA ILE D 276 -17.06 41.63 15.67
C ILE D 276 -18.43 41.18 16.21
N ARG D 277 -19.53 41.63 15.62
CA ARG D 277 -20.90 41.29 16.06
C ARG D 277 -21.14 39.78 15.92
N TYR D 278 -20.66 39.17 14.84
CA TYR D 278 -20.88 37.73 14.54
C TYR D 278 -19.96 36.86 15.42
N ARG D 279 -18.82 37.38 15.85
CA ARG D 279 -17.96 36.69 16.84
C ARG D 279 -18.65 36.69 18.22
N GLU D 280 -19.24 37.81 18.61
CA GLU D 280 -19.95 37.96 19.90
C GLU D 280 -21.14 36.99 19.96
N ASN D 281 -21.77 36.69 18.82
CA ASN D 281 -22.97 35.83 18.74
C ASN D 281 -22.83 34.88 17.54
N ILE D 282 -22.14 33.75 17.72
CA ILE D 282 -21.88 32.77 16.63
C ILE D 282 -23.19 32.09 16.21
N ALA D 283 -24.15 31.89 17.12
CA ALA D 283 -25.49 31.37 16.77
C ALA D 283 -26.11 32.27 15.69
N SER D 284 -26.01 33.60 15.81
CA SER D 284 -26.58 34.54 14.82
C SER D 284 -25.81 34.45 13.49
N LEU D 285 -24.49 34.20 13.52
CA LEU D 285 -23.71 33.94 12.28
C LEU D 285 -24.24 32.69 11.58
N MET D 286 -24.46 31.60 12.32
CA MET D 286 -24.98 30.33 11.76
C MET D 286 -26.38 30.56 11.18
N ASP D 287 -27.23 31.29 11.90
CA ASP D 287 -28.61 31.64 11.45
C ASP D 287 -28.56 32.49 10.18
N LYS D 288 -27.65 33.46 10.13
CA LYS D 288 -27.48 34.37 8.96
C LYS D 288 -26.99 33.56 7.74
N CYS D 289 -25.90 32.83 7.92
CA CYS D 289 -25.26 32.02 6.89
C CYS D 289 -26.00 30.80 6.40
N PHE D 290 -26.71 30.14 7.30
CA PHE D 290 -27.47 28.95 6.96
C PHE D 290 -28.89 29.15 7.46
N PRO D 291 -29.63 30.11 6.88
CA PRO D 291 -30.99 30.43 7.35
C PRO D 291 -31.98 29.33 7.00
N ALA D 292 -32.68 28.84 8.03
CA ALA D 292 -33.65 27.75 7.92
C ALA D 292 -33.04 26.51 7.27
N ALA D 293 -31.81 26.19 7.64
CA ALA D 293 -31.07 25.09 7.09
C ALA D 293 -30.29 24.43 8.20
N ASN D 294 -29.88 23.21 7.94
CA ASN D 294 -29.11 22.41 8.92
C ASN D 294 -27.67 22.92 8.91
N ALA D 295 -27.36 23.96 9.69
CA ALA D 295 -25.98 24.48 9.87
C ALA D 295 -25.08 23.30 10.23
N PRO D 296 -23.96 23.08 9.50
CA PRO D 296 -23.04 22.00 9.83
C PRO D 296 -22.43 22.28 11.22
N GLY D 297 -22.69 21.40 12.20
CA GLY D 297 -22.28 21.58 13.61
C GLY D 297 -20.79 21.82 13.77
N GLU D 298 -19.97 21.20 12.93
CA GLU D 298 -18.49 21.30 13.04
C GLU D 298 -18.04 22.74 12.72
N ILE D 299 -18.75 23.46 11.86
CA ILE D 299 -18.43 24.87 11.51
C ILE D 299 -18.69 25.75 12.74
N ALA D 300 -19.84 25.58 13.42
CA ALA D 300 -20.17 26.31 14.66
C ALA D 300 -19.10 26.03 15.72
N LYS D 301 -18.76 24.76 15.93
CA LYS D 301 -17.76 24.33 16.96
C LYS D 301 -16.40 24.94 16.61
N TYR D 302 -16.03 24.93 15.33
CA TYR D 302 -14.77 25.52 14.84
C TYR D 302 -14.72 27.01 15.22
N MET D 303 -15.77 27.76 14.88
CA MET D 303 -15.82 29.23 15.12
C MET D 303 -15.80 29.50 16.63
N GLU D 304 -16.50 28.68 17.44
CA GLU D 304 -16.54 28.82 18.91
C GLU D 304 -15.14 28.60 19.48
N THR D 305 -14.39 27.65 18.93
CA THR D 305 -13.03 27.29 19.42
C THR D 305 -12.07 28.43 19.10
N VAL D 306 -12.14 28.98 17.89
CA VAL D 306 -11.30 30.13 17.46
C VAL D 306 -11.62 31.36 18.32
N LYS D 307 -12.90 31.59 18.63
CA LYS D 307 -13.34 32.72 19.49
C LYS D 307 -12.64 32.64 20.86
N LEU D 308 -12.38 31.43 21.37
CA LEU D 308 -11.79 31.24 22.72
C LEU D 308 -10.28 31.56 22.72
N LEU D 309 -9.64 31.67 21.55
CA LEU D 309 -8.18 31.90 21.49
C LEU D 309 -7.86 33.35 21.85
N ASP D 310 -6.92 33.54 22.78
CA ASP D 310 -6.29 34.85 23.05
C ASP D 310 -5.27 35.12 21.95
N TYR D 311 -4.84 36.38 21.84
CA TYR D 311 -3.96 36.86 20.76
C TYR D 311 -2.67 36.04 20.69
N THR D 312 -2.07 35.71 21.83
CA THR D 312 -0.76 35.01 21.92
C THR D 312 -0.94 33.50 22.10
N GLU D 313 -2.18 33.02 22.16
CA GLU D 313 -2.47 31.62 22.57
C GLU D 313 -2.09 30.64 21.45
N LYS D 314 -1.44 29.54 21.83
CA LYS D 314 -1.15 28.41 20.93
C LYS D 314 -2.44 27.62 20.73
N PRO D 315 -2.94 27.48 19.49
CA PRO D 315 -4.12 26.66 19.22
C PRO D 315 -3.88 25.21 19.65
N LEU D 316 -4.95 24.53 20.07
CA LEU D 316 -4.98 23.05 20.22
C LEU D 316 -5.37 22.47 18.87
N TYR D 317 -4.38 22.25 17.99
CA TYR D 317 -4.59 21.89 16.57
C TYR D 317 -5.32 20.54 16.48
N GLU D 318 -5.06 19.62 17.42
CA GLU D 318 -5.67 18.26 17.43
C GLU D 318 -7.17 18.39 17.74
N ASN D 319 -7.55 19.28 18.67
CA ASN D 319 -8.97 19.60 18.97
C ASN D 319 -9.65 20.11 17.69
N LEU D 320 -9.00 21.02 16.95
CA LEU D 320 -9.57 21.59 15.71
C LEU D 320 -9.73 20.49 14.65
N ARG D 321 -8.74 19.61 14.51
CA ARG D 321 -8.82 18.50 13.57
C ARG D 321 -9.94 17.53 13.93
N ASP D 322 -10.04 17.21 15.21
CA ASP D 322 -11.09 16.32 15.74
C ASP D 322 -12.47 16.90 15.40
N ILE D 323 -12.65 18.23 15.55
CA ILE D 323 -13.94 18.91 15.21
C ILE D 323 -14.25 18.62 13.73
N LEU D 324 -13.28 18.80 12.82
CA LEU D 324 -13.51 18.62 11.37
C LEU D 324 -13.74 17.14 11.05
N LEU D 325 -13.04 16.23 11.74
CA LEU D 325 -13.18 14.76 11.54
C LEU D 325 -14.61 14.32 11.93
N GLN D 326 -15.19 14.90 12.98
CA GLN D 326 -16.59 14.62 13.40
C GLN D 326 -17.54 15.04 12.27
N GLY D 327 -17.22 16.11 11.55
CA GLY D 327 -17.96 16.56 10.37
C GLY D 327 -17.97 15.49 9.28
N LEU D 328 -16.81 14.90 8.99
CA LEU D 328 -16.68 13.81 7.98
C LEU D 328 -17.48 12.58 8.43
N LYS D 329 -17.40 12.21 9.72
CA LYS D 329 -18.18 11.09 10.31
C LYS D 329 -19.68 11.35 10.10
N ALA D 330 -20.13 12.58 10.37
CA ALA D 330 -21.56 12.99 10.30
C ALA D 330 -22.14 12.76 8.89
N ILE D 331 -21.33 12.87 7.84
CA ILE D 331 -21.78 12.69 6.42
C ILE D 331 -21.40 11.30 5.91
N GLY D 332 -21.05 10.37 6.79
CA GLY D 332 -20.75 8.97 6.45
C GLY D 332 -19.43 8.80 5.72
N SER D 333 -18.47 9.71 5.94
CA SER D 333 -17.16 9.69 5.26
C SER D 333 -16.04 9.56 6.29
N LYS D 334 -14.81 9.72 5.81
CA LYS D 334 -13.59 9.61 6.60
C LYS D 334 -12.50 10.42 5.90
N ASP D 335 -11.40 10.67 6.60
CA ASP D 335 -10.34 11.44 5.98
C ASP D 335 -9.50 10.52 5.12
N ASP D 336 -9.91 10.39 3.87
CA ASP D 336 -9.25 9.56 2.88
C ASP D 336 -8.39 10.39 1.92
N GLY D 337 -8.26 11.68 2.22
CA GLY D 337 -7.48 12.63 1.42
C GLY D 337 -8.08 12.95 0.06
N LYS D 338 -9.34 12.58 -0.21
CA LYS D 338 -10.03 12.85 -1.50
C LYS D 338 -10.71 14.22 -1.40
N LEU D 339 -10.25 15.19 -2.20
CA LEU D 339 -10.80 16.58 -2.22
C LEU D 339 -12.14 16.59 -2.96
N ASP D 340 -12.37 15.63 -3.87
CA ASP D 340 -13.63 15.47 -4.63
C ASP D 340 -13.87 16.70 -5.51
N LEU D 341 -12.81 17.25 -6.13
CA LEU D 341 -12.91 18.42 -7.03
C LEU D 341 -13.17 17.94 -8.46
#